data_1EQH
#
_entry.id   1EQH
#
_cell.length_a   98.686
_cell.length_b   206.518
_cell.length_c   220.339
_cell.angle_alpha   90.00
_cell.angle_beta   90.00
_cell.angle_gamma   90.00
#
_symmetry.space_group_name_H-M   'I 2 2 2'
#
loop_
_entity.id
_entity.type
_entity.pdbx_description
1 polymer 'PROSTAGLANDIN H2 SYNTHASE-1'
2 non-polymer 2-acetamido-2-deoxy-beta-D-glucopyranose
3 non-polymer 'octyl beta-D-glucopyranoside'
4 non-polymer 'PROTOPORPHYRIN IX CONTAINING FE'
5 non-polymer FLURBIPROFEN
6 water water
#
_entity_poly.entity_id   1
_entity_poly.type   'polypeptide(L)'
_entity_poly.pdbx_seq_one_letter_code
;PVFSADPGAPAPVNPCCYYPCQHQGICVRFGLDRYQCDCTRTGYSGPNCTIPEIWTWLRTTLRPSPSFIHFLLTHGRWLW
DFVNATFIRDTLMRLVLTVRSNLIPSPPTYNIAHDYISWESFSNVSYYTRILPSVPRDCPTPMGTKGKKQLPDAEFLSRR
FLLRRKFIPDPQGTNLMFAFFAQHFTHQFFKTSGKMGPGFTKALGHGVDLGHIYGDNLERQYQLRLFKDGKLKYQMLNGE
VYPPSVEEAPVLMHYPRGIPPQSQMAVGQEVFGLLPGLMLYATIWLREHNRVCDLLKAEHPTWGDEQLFQTARLILIGET
IKIVIEEYVQQLSGYFLQLKFDPELLFGAQFQYRNRIAMEFNQLYHWHPLMPDSFRVGPQDYSYEQFLFNTSMLVDYGVE
ALVDAFSRQPAGRIGGGRNIDHHILHVAVDVIKESRVLRLQPFNEYRKRFGMKPYTSFQELTGEKEMAAELEELYGDIDA
LEFYPGLLLEKCHPNSIFGESMIEMGAPFSLKGLLGNPICSPEYWKASTFGGEVGFNLVKTATLKKLVCLNTKTCPYVSF
HVPDPRQEDRPGVERPPTEL
;
_entity_poly.pdbx_strand_id   A,B
#
loop_
_chem_comp.id
_chem_comp.type
_chem_comp.name
_chem_comp.formula
BOG D-saccharide 'octyl beta-D-glucopyranoside' 'C14 H28 O6'
FLP non-polymer FLURBIPROFEN 'C15 H13 F O2'
HEM non-polymer 'PROTOPORPHYRIN IX CONTAINING FE' 'C34 H32 Fe N4 O4'
NAG D-saccharide, beta linking 2-acetamido-2-deoxy-beta-D-glucopyranose 'C8 H15 N O6'
#
# COMPACT_ATOMS: atom_id res chain seq x y z
N VAL A 13 9.77 -21.58 -31.20
CA VAL A 13 9.26 -20.24 -30.82
C VAL A 13 8.64 -20.27 -29.44
N ASN A 14 8.74 -19.13 -28.74
CA ASN A 14 8.19 -18.97 -27.40
C ASN A 14 6.70 -19.30 -27.45
N PRO A 15 6.28 -20.37 -26.76
CA PRO A 15 4.86 -20.75 -26.75
C PRO A 15 3.93 -19.70 -26.16
N CYS A 16 4.43 -18.84 -25.28
CA CYS A 16 3.59 -17.80 -24.70
C CYS A 16 3.24 -16.69 -25.69
N CYS A 17 3.91 -16.67 -26.83
CA CYS A 17 3.62 -15.67 -27.86
C CYS A 17 2.24 -15.90 -28.46
N TYR A 18 1.71 -17.10 -28.28
CA TYR A 18 0.38 -17.42 -28.80
C TYR A 18 -0.71 -17.07 -27.79
N TYR A 19 -0.32 -16.47 -26.66
CA TYR A 19 -1.28 -16.11 -25.62
C TYR A 19 -2.22 -17.29 -25.38
N PRO A 20 -1.65 -18.50 -25.21
CA PRO A 20 -2.45 -19.71 -24.99
C PRO A 20 -3.40 -19.68 -23.80
N CYS A 21 -2.93 -19.20 -22.65
CA CYS A 21 -3.76 -19.16 -21.45
C CYS A 21 -4.93 -18.17 -21.55
N GLN A 22 -6.13 -18.67 -21.31
CA GLN A 22 -7.34 -17.87 -21.35
C GLN A 22 -7.83 -17.54 -19.94
N HIS A 23 -8.80 -16.63 -19.88
CA HIS A 23 -9.43 -16.21 -18.63
C HIS A 23 -8.49 -15.89 -17.47
N GLN A 24 -7.50 -15.05 -17.74
CA GLN A 24 -6.54 -14.62 -16.74
C GLN A 24 -5.57 -15.70 -16.26
N GLY A 25 -5.52 -16.83 -16.96
CA GLY A 25 -4.58 -17.88 -16.60
C GLY A 25 -3.19 -17.33 -16.88
N ILE A 26 -2.18 -17.77 -16.13
CA ILE A 26 -0.84 -17.23 -16.32
C ILE A 26 0.11 -18.17 -17.07
N CYS A 27 0.62 -17.71 -18.23
CA CYS A 27 1.53 -18.50 -19.07
C CYS A 27 2.93 -18.53 -18.50
N VAL A 28 3.43 -19.72 -18.18
CA VAL A 28 4.77 -19.86 -17.64
C VAL A 28 5.60 -20.81 -18.50
N ARG A 29 6.79 -20.35 -18.86
CA ARG A 29 7.73 -21.12 -19.68
C ARG A 29 8.33 -22.23 -18.84
N PHE A 30 8.30 -23.46 -19.35
CA PHE A 30 8.87 -24.60 -18.63
C PHE A 30 9.79 -25.40 -19.54
N GLY A 31 10.96 -25.77 -19.02
CA GLY A 31 11.89 -26.52 -19.83
C GLY A 31 12.33 -25.66 -20.99
N LEU A 32 12.87 -26.31 -22.03
CA LEU A 32 13.35 -25.59 -23.19
C LEU A 32 12.30 -25.05 -24.15
N ASP A 33 11.16 -25.74 -24.26
CA ASP A 33 10.14 -25.32 -25.20
C ASP A 33 8.70 -25.50 -24.75
N ARG A 34 8.49 -25.86 -23.49
CA ARG A 34 7.14 -26.06 -23.00
C ARG A 34 6.57 -24.87 -22.26
N TYR A 35 5.29 -24.95 -21.93
CA TYR A 35 4.60 -23.90 -21.20
C TYR A 35 3.47 -24.53 -20.42
N GLN A 36 3.09 -23.90 -19.31
CA GLN A 36 1.98 -24.37 -18.51
C GLN A 36 1.14 -23.17 -18.16
N CYS A 37 -0.15 -23.37 -17.94
CA CYS A 37 -1.02 -22.26 -17.57
C CYS A 37 -1.49 -22.47 -16.13
N ASP A 38 -1.28 -21.46 -15.30
CA ASP A 38 -1.71 -21.54 -13.92
C ASP A 38 -3.13 -20.98 -13.94
N CYS A 39 -4.12 -21.86 -13.83
CA CYS A 39 -5.52 -21.46 -13.86
C CYS A 39 -6.10 -21.20 -12.48
N THR A 40 -5.24 -21.17 -11.47
CA THR A 40 -5.70 -20.96 -10.12
C THR A 40 -6.75 -19.86 -9.98
N ARG A 41 -7.92 -20.24 -9.46
CA ARG A 41 -9.03 -19.30 -9.23
C ARG A 41 -9.59 -18.59 -10.45
N THR A 42 -9.32 -19.11 -11.64
CA THR A 42 -9.83 -18.48 -12.85
C THR A 42 -11.24 -18.94 -13.13
N GLY A 43 -11.66 -20.00 -12.45
CA GLY A 43 -13.00 -20.53 -12.68
C GLY A 43 -12.96 -21.56 -13.79
N TYR A 44 -11.79 -21.75 -14.38
CA TYR A 44 -11.60 -22.72 -15.45
C TYR A 44 -10.43 -23.64 -15.15
N SER A 45 -10.33 -24.71 -15.92
CA SER A 45 -9.26 -25.68 -15.79
C SER A 45 -8.90 -26.11 -17.20
N GLY A 46 -7.95 -27.02 -17.31
CA GLY A 46 -7.54 -27.49 -18.63
C GLY A 46 -6.19 -26.91 -18.98
N PRO A 47 -5.52 -27.46 -19.99
CA PRO A 47 -4.20 -26.96 -20.40
C PRO A 47 -4.16 -25.46 -20.60
N ASN A 48 -5.28 -24.89 -21.04
CA ASN A 48 -5.37 -23.45 -21.32
C ASN A 48 -6.39 -22.67 -20.52
N CYS A 49 -6.94 -23.28 -19.47
CA CYS A 49 -7.95 -22.62 -18.64
C CYS A 49 -9.18 -22.28 -19.50
N THR A 50 -9.71 -23.26 -20.22
CA THR A 50 -10.90 -23.05 -21.06
C THR A 50 -12.09 -23.92 -20.69
N ILE A 51 -11.85 -24.94 -19.87
CA ILE A 51 -12.91 -25.84 -19.43
C ILE A 51 -13.48 -25.25 -18.15
N PRO A 52 -14.68 -24.68 -18.23
CA PRO A 52 -15.33 -24.05 -17.09
C PRO A 52 -15.88 -24.96 -16.00
N GLU A 53 -16.01 -24.38 -14.81
CA GLU A 53 -16.58 -25.09 -13.68
C GLU A 53 -18.05 -24.74 -13.84
N ILE A 54 -18.93 -25.54 -13.25
CA ILE A 54 -20.36 -25.31 -13.38
C ILE A 54 -20.83 -23.88 -13.18
N TRP A 55 -20.44 -23.24 -12.08
CA TRP A 55 -20.88 -21.88 -11.82
C TRP A 55 -20.32 -20.90 -12.83
N THR A 56 -19.07 -21.11 -13.21
CA THR A 56 -18.44 -20.23 -14.18
C THR A 56 -19.25 -20.27 -15.45
N TRP A 57 -19.78 -21.45 -15.77
CA TRP A 57 -20.58 -21.62 -16.98
C TRP A 57 -21.94 -20.90 -16.89
N LEU A 58 -22.66 -21.14 -15.80
CA LEU A 58 -23.95 -20.48 -15.63
C LEU A 58 -23.78 -18.98 -15.78
N ARG A 59 -22.90 -18.44 -14.95
CA ARG A 59 -22.60 -17.02 -14.93
C ARG A 59 -22.28 -16.45 -16.31
N THR A 60 -21.38 -17.08 -17.04
CA THR A 60 -21.00 -16.58 -18.36
C THR A 60 -22.08 -16.65 -19.45
N THR A 61 -22.99 -17.61 -19.33
CA THR A 61 -24.04 -17.76 -20.33
C THR A 61 -25.29 -16.98 -19.95
N LEU A 62 -25.37 -16.56 -18.70
CA LEU A 62 -26.51 -15.78 -18.24
C LEU A 62 -26.20 -14.28 -18.27
N ARG A 63 -24.92 -13.95 -18.47
CA ARG A 63 -24.52 -12.56 -18.53
C ARG A 63 -24.88 -11.97 -19.88
N PRO A 64 -25.73 -10.92 -19.88
CA PRO A 64 -26.10 -10.29 -21.15
C PRO A 64 -24.88 -9.50 -21.64
N SER A 65 -24.83 -9.22 -22.94
CA SER A 65 -23.69 -8.48 -23.50
C SER A 65 -23.61 -7.04 -23.01
N PRO A 66 -22.41 -6.44 -23.10
CA PRO A 66 -22.23 -5.05 -22.67
C PRO A 66 -23.20 -4.12 -23.40
N SER A 67 -23.46 -4.41 -24.67
CA SER A 67 -24.36 -3.59 -25.48
C SER A 67 -25.78 -3.64 -24.94
N PHE A 68 -26.22 -4.83 -24.56
CA PHE A 68 -27.56 -4.99 -24.02
C PHE A 68 -27.69 -4.21 -22.72
N ILE A 69 -26.74 -4.41 -21.82
CA ILE A 69 -26.77 -3.70 -20.54
C ILE A 69 -26.74 -2.20 -20.77
N HIS A 70 -25.89 -1.76 -21.69
CA HIS A 70 -25.79 -0.33 -22.00
C HIS A 70 -27.19 0.16 -22.36
N PHE A 71 -27.86 -0.61 -23.22
CA PHE A 71 -29.20 -0.28 -23.67
C PHE A 71 -30.13 -0.09 -22.47
N LEU A 72 -30.16 -1.09 -21.59
CA LEU A 72 -31.01 -1.02 -20.40
C LEU A 72 -30.71 0.22 -19.57
N LEU A 73 -29.42 0.54 -19.43
CA LEU A 73 -29.01 1.70 -18.66
C LEU A 73 -29.29 3.05 -19.33
N THR A 74 -29.61 3.04 -20.62
CA THR A 74 -29.86 4.30 -21.32
C THR A 74 -31.26 4.43 -21.88
N HIS A 75 -32.18 3.67 -21.29
CA HIS A 75 -33.58 3.66 -21.71
C HIS A 75 -34.52 3.45 -20.53
N GLY A 76 -35.78 3.81 -20.71
CA GLY A 76 -36.77 3.63 -19.66
C GLY A 76 -36.63 4.58 -18.48
N ARG A 77 -36.39 5.86 -18.77
CA ARG A 77 -36.23 6.86 -17.72
C ARG A 77 -37.21 6.64 -16.55
N TRP A 78 -38.50 6.56 -16.87
CA TRP A 78 -39.54 6.38 -15.84
C TRP A 78 -39.20 5.28 -14.84
N LEU A 79 -38.80 4.13 -15.35
CA LEU A 79 -38.48 3.01 -14.49
C LEU A 79 -37.25 3.34 -13.62
N TRP A 80 -36.23 3.96 -14.22
CA TRP A 80 -35.02 4.31 -13.48
C TRP A 80 -35.30 5.33 -12.37
N ASP A 81 -36.13 6.34 -12.69
CA ASP A 81 -36.47 7.37 -11.72
C ASP A 81 -37.04 6.75 -10.45
N PHE A 82 -37.75 5.64 -10.60
CA PHE A 82 -38.32 4.95 -9.45
C PHE A 82 -37.19 4.23 -8.72
N VAL A 83 -36.40 3.49 -9.48
CA VAL A 83 -35.28 2.74 -8.92
C VAL A 83 -34.29 3.64 -8.20
N ASN A 84 -34.00 4.81 -8.76
CA ASN A 84 -33.05 5.73 -8.14
C ASN A 84 -33.48 6.24 -6.77
N ALA A 85 -34.77 6.17 -6.47
CA ALA A 85 -35.27 6.65 -5.19
C ALA A 85 -35.40 5.55 -4.13
N THR A 86 -34.96 4.34 -4.46
CA THR A 86 -35.03 3.23 -3.51
C THR A 86 -33.64 2.66 -3.20
N PHE A 87 -33.61 1.60 -2.40
CA PHE A 87 -32.34 0.97 -2.04
C PHE A 87 -31.77 0.22 -3.24
N ILE A 88 -32.60 0.00 -4.26
CA ILE A 88 -32.15 -0.72 -5.45
C ILE A 88 -31.00 0.07 -6.08
N ARG A 89 -31.03 1.39 -5.92
CA ARG A 89 -29.97 2.24 -6.44
C ARG A 89 -28.64 1.79 -5.83
N ASP A 90 -28.62 1.68 -4.50
CA ASP A 90 -27.45 1.25 -3.77
C ASP A 90 -27.04 -0.16 -4.22
N THR A 91 -28.01 -1.06 -4.23
CA THR A 91 -27.75 -2.43 -4.64
C THR A 91 -27.04 -2.47 -5.99
N LEU A 92 -27.48 -1.63 -6.92
CA LEU A 92 -26.86 -1.60 -8.24
C LEU A 92 -25.48 -0.92 -8.24
N MET A 93 -25.35 0.16 -7.50
CA MET A 93 -24.07 0.86 -7.45
C MET A 93 -22.99 -0.03 -6.84
N ARG A 94 -23.37 -0.84 -5.86
CA ARG A 94 -22.45 -1.75 -5.21
C ARG A 94 -22.08 -2.83 -6.21
N LEU A 95 -23.07 -3.26 -6.97
CA LEU A 95 -22.84 -4.29 -7.98
C LEU A 95 -21.83 -3.76 -9.00
N VAL A 96 -22.07 -2.53 -9.48
CA VAL A 96 -21.19 -1.91 -10.46
C VAL A 96 -19.78 -1.79 -9.91
N LEU A 97 -19.68 -1.25 -8.70
CA LEU A 97 -18.40 -1.05 -8.03
C LEU A 97 -17.60 -2.35 -7.88
N THR A 98 -18.24 -3.41 -7.41
CA THR A 98 -17.51 -4.67 -7.21
C THR A 98 -17.19 -5.45 -8.47
N VAL A 99 -18.14 -5.53 -9.39
CA VAL A 99 -17.89 -6.26 -10.62
C VAL A 99 -16.82 -5.59 -11.48
N ARG A 100 -16.85 -4.26 -11.58
CA ARG A 100 -15.85 -3.55 -12.37
C ARG A 100 -14.48 -3.66 -11.69
N SER A 101 -14.46 -3.47 -10.38
CA SER A 101 -13.22 -3.54 -9.60
C SER A 101 -12.50 -4.88 -9.64
N ASN A 102 -13.25 -5.98 -9.53
CA ASN A 102 -12.62 -7.30 -9.53
C ASN A 102 -11.76 -7.59 -10.75
N LEU A 103 -11.94 -6.82 -11.81
CA LEU A 103 -11.16 -7.00 -13.04
C LEU A 103 -9.76 -6.39 -12.92
N ILE A 104 -9.50 -5.70 -11.81
CA ILE A 104 -8.19 -5.08 -11.59
C ILE A 104 -7.39 -5.81 -10.50
N PRO A 105 -6.19 -6.29 -10.85
CA PRO A 105 -5.35 -7.00 -9.89
C PRO A 105 -4.96 -6.11 -8.71
N SER A 106 -5.12 -6.63 -7.50
CA SER A 106 -4.78 -5.88 -6.29
C SER A 106 -4.45 -6.84 -5.14
N PRO A 107 -3.19 -6.83 -4.65
CA PRO A 107 -2.05 -6.00 -5.08
C PRO A 107 -1.72 -6.08 -6.57
N PRO A 108 -1.04 -5.05 -7.10
CA PRO A 108 -0.68 -5.02 -8.54
C PRO A 108 0.26 -6.15 -8.95
N THR A 109 0.26 -6.46 -10.25
CA THR A 109 1.09 -7.54 -10.75
C THR A 109 2.38 -7.17 -11.48
N TYR A 110 2.28 -6.90 -12.77
CA TYR A 110 3.44 -6.61 -13.59
C TYR A 110 3.77 -5.16 -13.90
N ASN A 111 5.03 -4.95 -14.32
CA ASN A 111 5.48 -3.63 -14.74
C ASN A 111 6.37 -3.75 -15.99
N ILE A 112 6.83 -2.62 -16.51
CA ILE A 112 7.65 -2.61 -17.72
C ILE A 112 8.89 -3.50 -17.63
N ALA A 113 9.39 -3.72 -16.41
CA ALA A 113 10.58 -4.54 -16.21
C ALA A 113 10.26 -6.00 -15.93
N HIS A 114 9.15 -6.26 -15.25
CA HIS A 114 8.80 -7.65 -14.92
C HIS A 114 7.48 -8.12 -15.45
N ASP A 115 7.51 -9.17 -16.25
CA ASP A 115 6.30 -9.75 -16.79
C ASP A 115 5.95 -10.95 -15.91
N TYR A 116 6.03 -10.72 -14.61
CA TYR A 116 5.74 -11.74 -13.61
C TYR A 116 5.73 -11.04 -12.26
N ILE A 117 5.06 -11.64 -11.28
CA ILE A 117 4.98 -11.07 -9.94
C ILE A 117 6.36 -11.06 -9.29
N SER A 118 6.68 -9.96 -8.61
CA SER A 118 7.97 -9.83 -7.94
C SER A 118 7.89 -8.79 -6.84
N TRP A 119 8.75 -8.92 -5.83
CA TRP A 119 8.72 -7.96 -4.74
C TRP A 119 9.04 -6.54 -5.22
N GLU A 120 9.93 -6.44 -6.22
CA GLU A 120 10.30 -5.14 -6.79
C GLU A 120 9.08 -4.51 -7.46
N SER A 121 8.28 -5.31 -8.16
CA SER A 121 7.11 -4.75 -8.82
C SER A 121 6.11 -4.27 -7.78
N PHE A 122 6.03 -5.00 -6.68
CA PHE A 122 5.11 -4.63 -5.62
C PHE A 122 5.52 -3.41 -4.81
N SER A 123 6.82 -3.28 -4.54
CA SER A 123 7.27 -2.16 -3.72
C SER A 123 7.71 -0.92 -4.47
N ASN A 124 8.12 -1.09 -5.71
CA ASN A 124 8.60 0.03 -6.49
C ASN A 124 7.55 0.88 -7.18
N VAL A 125 7.12 1.89 -6.45
CA VAL A 125 6.10 2.82 -6.86
C VAL A 125 6.41 3.73 -8.06
N SER A 126 7.66 3.78 -8.49
CA SER A 126 7.99 4.63 -9.64
C SER A 126 7.56 4.00 -10.95
N TYR A 127 7.16 2.73 -10.88
CA TYR A 127 6.71 1.97 -12.03
C TYR A 127 5.20 2.04 -12.21
N TYR A 128 4.74 2.09 -13.45
CA TYR A 128 3.32 2.03 -13.73
C TYR A 128 3.15 0.50 -13.72
N THR A 129 1.99 0.01 -13.35
CA THR A 129 1.78 -1.43 -13.39
C THR A 129 1.16 -1.68 -14.76
N ARG A 130 0.84 -2.94 -15.05
CA ARG A 130 0.20 -3.29 -16.31
C ARG A 130 -0.69 -4.49 -16.06
N ILE A 131 -1.82 -4.55 -16.73
CA ILE A 131 -2.77 -5.65 -16.54
C ILE A 131 -2.35 -6.90 -17.30
N LEU A 132 -1.89 -6.74 -18.53
CA LEU A 132 -1.41 -7.88 -19.29
C LEU A 132 0.10 -7.77 -19.42
N PRO A 133 0.79 -8.91 -19.38
CA PRO A 133 2.26 -8.87 -19.51
C PRO A 133 2.57 -8.39 -20.92
N SER A 134 3.81 -7.98 -21.15
CA SER A 134 4.16 -7.50 -22.48
C SER A 134 4.24 -8.63 -23.49
N VAL A 135 4.36 -8.24 -24.77
CA VAL A 135 4.52 -9.19 -25.85
C VAL A 135 5.97 -9.60 -25.68
N PRO A 136 6.22 -10.89 -25.43
CA PRO A 136 7.61 -11.34 -25.24
C PRO A 136 8.52 -10.78 -26.34
N ARG A 137 9.68 -10.25 -25.95
CA ARG A 137 10.63 -9.67 -26.89
C ARG A 137 11.12 -10.61 -27.99
N ASP A 138 10.93 -11.91 -27.80
CA ASP A 138 11.39 -12.87 -28.78
C ASP A 138 10.29 -13.53 -29.62
N CYS A 139 9.18 -12.83 -29.80
CA CYS A 139 8.08 -13.38 -30.59
C CYS A 139 8.31 -13.10 -32.08
N PRO A 140 7.80 -14.00 -32.95
CA PRO A 140 7.98 -13.80 -34.39
C PRO A 140 7.47 -12.47 -34.93
N THR A 141 6.40 -11.94 -34.36
CA THR A 141 5.88 -10.64 -34.81
C THR A 141 5.82 -9.70 -33.63
N PRO A 142 5.76 -8.38 -33.89
CA PRO A 142 5.69 -7.35 -32.85
C PRO A 142 4.52 -7.54 -31.90
N MET A 143 3.42 -8.07 -32.42
CA MET A 143 2.22 -8.29 -31.62
C MET A 143 2.13 -9.71 -31.10
N GLY A 144 3.16 -10.51 -31.38
CA GLY A 144 3.17 -11.88 -30.92
C GLY A 144 3.28 -12.88 -32.04
N THR A 145 2.15 -13.27 -32.60
CA THR A 145 2.12 -14.26 -33.67
C THR A 145 1.45 -13.75 -34.94
N LYS A 146 0.50 -12.84 -34.79
CA LYS A 146 -0.22 -12.30 -35.94
C LYS A 146 0.35 -10.99 -36.46
N GLY A 147 -0.15 -10.56 -37.62
CA GLY A 147 0.30 -9.33 -38.23
C GLY A 147 1.54 -9.44 -39.09
N LYS A 148 2.01 -8.29 -39.56
CA LYS A 148 3.20 -8.22 -40.39
C LYS A 148 4.42 -8.05 -39.52
N LYS A 149 5.60 -8.30 -40.09
CA LYS A 149 6.84 -8.17 -39.35
C LYS A 149 7.03 -6.74 -38.84
N GLN A 150 6.45 -5.78 -39.56
CA GLN A 150 6.56 -4.38 -39.17
C GLN A 150 5.17 -3.76 -39.03
N LEU A 151 4.98 -3.03 -37.93
CA LEU A 151 3.72 -2.36 -37.67
C LEU A 151 3.57 -1.11 -38.53
N PRO A 152 2.33 -0.68 -38.78
CA PRO A 152 2.07 0.51 -39.60
C PRO A 152 2.76 1.74 -39.02
N ASP A 153 3.22 2.63 -39.88
CA ASP A 153 3.87 3.85 -39.43
C ASP A 153 2.90 4.62 -38.53
N ALA A 154 3.35 4.97 -37.34
CA ALA A 154 2.53 5.71 -36.37
C ALA A 154 1.94 7.00 -36.92
N GLU A 155 2.79 7.83 -37.52
CA GLU A 155 2.36 9.09 -38.10
C GLU A 155 1.25 8.87 -39.14
N PHE A 156 1.53 8.02 -40.12
CA PHE A 156 0.57 7.71 -41.18
C PHE A 156 -0.75 7.21 -40.60
N LEU A 157 -0.64 6.27 -39.67
CA LEU A 157 -1.81 5.69 -39.02
C LEU A 157 -2.64 6.81 -38.38
N SER A 158 -1.96 7.75 -37.75
CA SER A 158 -2.64 8.85 -37.11
C SER A 158 -3.27 9.83 -38.10
N ARG A 159 -2.51 10.21 -39.13
CA ARG A 159 -3.01 11.13 -40.15
C ARG A 159 -4.20 10.52 -40.88
N ARG A 160 -4.14 9.21 -41.12
CA ARG A 160 -5.19 8.50 -41.84
C ARG A 160 -6.47 8.23 -41.06
N PHE A 161 -6.37 7.87 -39.78
CA PHE A 161 -7.59 7.55 -39.06
C PHE A 161 -7.91 8.33 -37.79
N LEU A 162 -7.06 9.27 -37.40
CA LEU A 162 -7.34 10.02 -36.19
C LEU A 162 -7.40 11.52 -36.41
N LEU A 163 -6.77 11.97 -37.49
CA LEU A 163 -6.75 13.39 -37.79
C LEU A 163 -8.17 13.92 -38.01
N ARG A 164 -8.48 15.04 -37.38
CA ARG A 164 -9.79 15.63 -37.53
C ARG A 164 -9.88 16.36 -38.87
N ARG A 165 -11.00 16.17 -39.56
CA ARG A 165 -11.23 16.84 -40.83
C ARG A 165 -12.33 17.83 -40.53
N LYS A 166 -13.49 17.33 -40.11
CA LYS A 166 -14.61 18.18 -39.74
C LYS A 166 -14.91 17.89 -38.26
N PHE A 167 -14.95 18.94 -37.45
CA PHE A 167 -15.22 18.76 -36.02
C PHE A 167 -16.51 18.01 -35.75
N ILE A 168 -16.39 16.90 -35.02
CA ILE A 168 -17.53 16.07 -34.65
C ILE A 168 -17.82 16.27 -33.16
N PRO A 169 -18.88 17.01 -32.82
CA PRO A 169 -19.22 17.24 -31.41
C PRO A 169 -19.72 15.97 -30.75
N ASP A 170 -19.61 15.91 -29.42
CA ASP A 170 -20.07 14.75 -28.67
C ASP A 170 -21.58 14.72 -28.58
N PRO A 171 -22.19 13.65 -29.09
CA PRO A 171 -23.65 13.55 -29.05
C PRO A 171 -24.24 13.60 -27.64
N GLN A 172 -23.46 13.21 -26.63
CA GLN A 172 -23.97 13.23 -25.26
C GLN A 172 -23.98 14.64 -24.66
N GLY A 173 -23.53 15.63 -25.42
CA GLY A 173 -23.53 17.00 -24.95
C GLY A 173 -22.42 17.42 -24.01
N THR A 174 -21.32 16.67 -23.98
CA THR A 174 -20.19 16.99 -23.13
C THR A 174 -19.55 18.32 -23.56
N ASN A 175 -19.23 19.16 -22.57
CA ASN A 175 -18.63 20.45 -22.85
C ASN A 175 -17.15 20.52 -22.49
N LEU A 176 -16.54 21.68 -22.70
CA LEU A 176 -15.15 21.88 -22.40
C LEU A 176 -14.89 21.97 -20.90
N MET A 177 -15.92 22.29 -20.13
CA MET A 177 -15.77 22.36 -18.68
C MET A 177 -15.41 20.95 -18.24
N PHE A 178 -16.03 19.98 -18.88
CA PHE A 178 -15.76 18.58 -18.58
C PHE A 178 -14.39 18.20 -19.12
N ALA A 179 -14.12 18.56 -20.37
CA ALA A 179 -12.85 18.22 -20.99
C ALA A 179 -11.66 18.65 -20.15
N PHE A 180 -11.64 19.91 -19.72
CA PHE A 180 -10.53 20.41 -18.92
C PHE A 180 -10.51 19.80 -17.53
N PHE A 181 -11.68 19.45 -17.00
CA PHE A 181 -11.72 18.83 -15.68
C PHE A 181 -10.99 17.50 -15.86
N ALA A 182 -11.37 16.80 -16.93
CA ALA A 182 -10.78 15.51 -17.27
C ALA A 182 -9.26 15.59 -17.32
N GLN A 183 -8.75 16.62 -17.97
CA GLN A 183 -7.32 16.82 -18.11
C GLN A 183 -6.71 17.10 -16.74
N HIS A 184 -7.24 18.10 -16.06
CA HIS A 184 -6.78 18.51 -14.74
C HIS A 184 -6.74 17.33 -13.77
N PHE A 185 -7.88 16.64 -13.65
CA PHE A 185 -8.04 15.49 -12.75
C PHE A 185 -7.02 14.36 -12.98
N THR A 186 -6.94 13.88 -14.21
CA THR A 186 -6.05 12.78 -14.56
C THR A 186 -4.59 13.11 -14.44
N HIS A 187 -4.23 14.37 -14.67
CA HIS A 187 -2.83 14.73 -14.59
C HIS A 187 -2.26 14.74 -13.17
N GLN A 188 -3.05 14.24 -12.23
CA GLN A 188 -2.57 14.14 -10.86
C GLN A 188 -2.03 12.71 -10.70
N PHE A 189 -2.52 11.77 -11.50
CA PHE A 189 -2.04 10.39 -11.44
C PHE A 189 -1.39 9.86 -12.73
N PHE A 190 -1.28 10.73 -13.73
CA PHE A 190 -0.61 10.39 -14.99
C PHE A 190 0.52 11.41 -15.17
N LYS A 191 1.73 11.06 -14.75
CA LYS A 191 2.88 11.96 -14.89
C LYS A 191 4.07 11.12 -15.28
N THR A 192 4.11 10.77 -16.56
CA THR A 192 5.18 9.95 -17.08
C THR A 192 6.51 10.66 -16.97
N SER A 193 7.47 9.97 -16.37
CA SER A 193 8.81 10.52 -16.18
C SER A 193 9.62 10.55 -17.47
N GLY A 194 10.07 11.73 -17.86
CA GLY A 194 10.86 11.85 -19.06
C GLY A 194 12.26 11.31 -18.83
N LYS A 195 12.75 11.50 -17.60
CA LYS A 195 14.09 11.04 -17.23
C LYS A 195 14.21 9.53 -17.11
N MET A 196 13.21 8.88 -16.52
CA MET A 196 13.26 7.44 -16.36
C MET A 196 12.74 6.69 -17.59
N GLY A 197 11.99 7.39 -18.45
CA GLY A 197 11.47 6.75 -19.64
C GLY A 197 10.05 6.22 -19.49
N PRO A 198 9.46 5.72 -20.58
CA PRO A 198 8.09 5.20 -20.47
C PRO A 198 8.04 4.05 -19.50
N GLY A 199 6.88 3.86 -18.88
CA GLY A 199 6.74 2.79 -17.91
C GLY A 199 6.99 3.32 -16.52
N PHE A 200 7.44 4.57 -16.43
CA PHE A 200 7.73 5.21 -15.15
C PHE A 200 6.91 6.46 -14.90
N THR A 201 6.63 6.71 -13.62
CA THR A 201 5.81 7.84 -13.21
C THR A 201 6.35 8.62 -12.01
N LYS A 202 6.09 9.92 -11.99
CA LYS A 202 6.52 10.77 -10.88
C LYS A 202 5.31 10.95 -9.96
N ALA A 203 4.15 10.54 -10.47
CA ALA A 203 2.91 10.63 -9.69
C ALA A 203 2.82 9.48 -8.71
N LEU A 204 3.78 9.38 -7.81
CA LEU A 204 3.75 8.34 -6.80
C LEU A 204 2.40 8.70 -6.15
N GLY A 205 1.76 7.79 -5.45
CA GLY A 205 0.46 8.16 -4.91
C GLY A 205 -0.56 7.35 -5.68
N HIS A 206 -0.30 7.21 -6.98
CA HIS A 206 -1.13 6.39 -7.85
C HIS A 206 -2.64 6.53 -7.72
N GLY A 207 -3.14 7.76 -7.74
CA GLY A 207 -4.58 7.94 -7.65
C GLY A 207 -4.97 9.35 -7.29
N VAL A 208 -6.12 9.47 -6.65
CA VAL A 208 -6.64 10.75 -6.24
C VAL A 208 -6.03 11.16 -4.91
N ASP A 209 -4.87 11.81 -4.98
CA ASP A 209 -4.18 12.30 -3.79
C ASP A 209 -4.10 13.82 -3.90
N LEU A 210 -4.64 14.34 -4.99
CA LEU A 210 -4.65 15.78 -5.24
C LEU A 210 -3.23 16.36 -5.30
N GLY A 211 -2.28 15.56 -5.77
CA GLY A 211 -0.91 16.01 -5.89
C GLY A 211 -0.75 17.06 -6.97
N HIS A 212 -1.78 17.25 -7.78
CA HIS A 212 -1.71 18.25 -8.84
C HIS A 212 -2.11 19.59 -8.26
N ILE A 213 -2.42 19.57 -6.96
CA ILE A 213 -2.80 20.76 -6.22
C ILE A 213 -1.80 21.04 -5.10
N TYR A 214 -1.32 19.99 -4.45
CA TYR A 214 -0.37 20.10 -3.34
C TYR A 214 1.07 19.74 -3.67
N GLY A 215 1.26 19.15 -4.85
CA GLY A 215 2.59 18.74 -5.28
C GLY A 215 2.79 17.25 -5.10
N ASP A 216 3.68 16.66 -5.91
CA ASP A 216 3.93 15.23 -5.82
C ASP A 216 5.08 14.89 -4.86
N ASN A 217 5.57 15.89 -4.14
CA ASN A 217 6.65 15.70 -3.18
C ASN A 217 6.55 16.76 -2.09
N LEU A 218 7.02 16.41 -0.89
CA LEU A 218 6.96 17.33 0.25
C LEU A 218 7.53 18.73 0.05
N GLU A 219 8.77 18.81 -0.43
CA GLU A 219 9.43 20.09 -0.63
C GLU A 219 8.58 21.08 -1.42
N ARG A 220 8.05 20.61 -2.53
CA ARG A 220 7.21 21.44 -3.40
C ARG A 220 5.94 21.82 -2.65
N GLN A 221 5.37 20.87 -1.90
CA GLN A 221 4.16 21.15 -1.13
C GLN A 221 4.43 22.27 -0.15
N TYR A 222 5.55 22.15 0.57
CA TYR A 222 5.94 23.16 1.56
C TYR A 222 6.16 24.53 0.93
N GLN A 223 6.64 24.53 -0.30
CA GLN A 223 6.90 25.78 -0.99
C GLN A 223 5.60 26.45 -1.44
N LEU A 224 4.56 25.63 -1.63
CA LEU A 224 3.24 26.10 -2.04
C LEU A 224 2.39 26.53 -0.85
N ARG A 225 2.73 26.04 0.34
CA ARG A 225 1.96 26.36 1.54
C ARG A 225 2.31 27.68 2.22
N LEU A 226 1.29 28.29 2.81
CA LEU A 226 1.44 29.55 3.53
C LEU A 226 1.97 29.31 4.93
N PHE A 227 1.62 28.15 5.49
CA PHE A 227 1.99 27.77 6.85
C PHE A 227 1.32 28.68 7.85
N LYS A 228 0.13 29.10 7.48
CA LYS A 228 -0.70 29.96 8.31
C LYS A 228 -2.14 29.53 8.02
N ASP A 229 -2.84 29.08 9.06
CA ASP A 229 -4.22 28.66 8.92
C ASP A 229 -4.40 27.44 8.01
N GLY A 230 -3.30 26.73 7.76
CA GLY A 230 -3.35 25.54 6.92
C GLY A 230 -3.60 25.84 5.46
N LYS A 231 -3.49 27.12 5.10
CA LYS A 231 -3.76 27.54 3.74
C LYS A 231 -2.62 27.41 2.75
N LEU A 232 -2.98 27.59 1.49
CA LEU A 232 -2.07 27.55 0.36
C LEU A 232 -1.72 29.00 -0.01
N LYS A 233 -0.47 29.25 -0.40
CA LYS A 233 -0.07 30.59 -0.80
C LYS A 233 -0.97 31.05 -1.95
N TYR A 234 -1.15 32.36 -2.07
CA TYR A 234 -1.99 32.91 -3.13
C TYR A 234 -1.68 34.39 -3.36
N GLN A 235 -2.26 34.95 -4.41
CA GLN A 235 -2.04 36.35 -4.73
C GLN A 235 -3.34 36.98 -5.20
N MET A 236 -3.47 38.27 -4.98
CA MET A 236 -4.68 38.98 -5.38
C MET A 236 -4.45 39.73 -6.68
N LEU A 237 -5.39 39.60 -7.60
CA LEU A 237 -5.34 40.27 -8.88
C LEU A 237 -6.75 40.69 -9.23
N ASN A 238 -6.95 42.00 -9.43
CA ASN A 238 -8.27 42.52 -9.75
C ASN A 238 -9.21 42.09 -8.63
N GLY A 239 -8.71 42.15 -7.40
CA GLY A 239 -9.53 41.78 -6.24
C GLY A 239 -9.96 40.31 -6.17
N GLU A 240 -9.31 39.45 -6.94
CA GLU A 240 -9.63 38.02 -6.94
C GLU A 240 -8.44 37.21 -6.47
N VAL A 241 -8.73 35.98 -6.03
CA VAL A 241 -7.68 35.10 -5.56
C VAL A 241 -7.21 34.20 -6.67
N TYR A 242 -5.89 34.11 -6.83
CA TYR A 242 -5.28 33.25 -7.82
C TYR A 242 -4.05 32.62 -7.22
N PRO A 243 -3.58 31.52 -7.83
CA PRO A 243 -2.38 30.86 -7.33
C PRO A 243 -1.28 31.91 -7.27
N PRO A 244 -0.31 31.73 -6.37
CA PRO A 244 0.80 32.69 -6.25
C PRO A 244 1.76 32.59 -7.41
N SER A 245 2.66 33.56 -7.52
CA SER A 245 3.66 33.55 -8.59
C SER A 245 4.80 32.64 -8.12
N VAL A 246 5.63 32.22 -9.06
CA VAL A 246 6.75 31.35 -8.73
C VAL A 246 7.78 32.13 -7.92
N GLU A 247 7.67 33.45 -7.95
CA GLU A 247 8.58 34.29 -7.19
C GLU A 247 8.28 34.11 -5.70
N GLU A 248 6.99 34.07 -5.35
CA GLU A 248 6.58 33.87 -3.97
C GLU A 248 6.57 32.41 -3.57
N ALA A 249 6.40 31.54 -4.56
CA ALA A 249 6.40 30.10 -4.34
C ALA A 249 7.42 29.51 -5.33
N PRO A 250 8.71 29.52 -4.95
CA PRO A 250 9.83 29.02 -5.74
C PRO A 250 9.69 27.53 -6.05
N VAL A 251 8.84 27.23 -7.01
CA VAL A 251 8.59 25.87 -7.40
C VAL A 251 8.83 25.74 -8.91
N LEU A 252 9.26 24.57 -9.36
CA LEU A 252 9.53 24.36 -10.77
C LEU A 252 8.25 24.23 -11.60
N MET A 253 8.06 25.15 -12.55
CA MET A 253 6.90 25.16 -13.43
C MET A 253 7.40 25.11 -14.88
N HIS A 254 6.75 24.33 -15.73
CA HIS A 254 7.17 24.23 -17.12
C HIS A 254 6.54 25.33 -17.96
N TYR A 255 7.26 26.44 -18.07
CA TYR A 255 6.83 27.59 -18.85
C TYR A 255 7.86 27.78 -19.96
N PRO A 256 7.46 28.41 -21.07
CA PRO A 256 8.41 28.63 -22.17
C PRO A 256 9.56 29.50 -21.68
N ARG A 257 10.76 29.20 -22.13
CA ARG A 257 11.91 29.99 -21.71
C ARG A 257 11.62 31.42 -22.12
N GLY A 258 11.86 32.35 -21.21
CA GLY A 258 11.61 33.75 -21.52
C GLY A 258 10.55 34.33 -20.61
N ILE A 259 9.70 33.46 -20.08
CA ILE A 259 8.64 33.90 -19.20
C ILE A 259 9.21 34.05 -17.79
N PRO A 260 9.32 35.29 -17.30
CA PRO A 260 9.86 35.56 -15.97
C PRO A 260 9.03 34.93 -14.86
N PRO A 261 9.67 34.58 -13.75
CA PRO A 261 9.07 33.97 -12.56
C PRO A 261 7.84 34.65 -11.97
N GLN A 262 7.84 35.99 -11.97
CA GLN A 262 6.71 36.71 -11.41
C GLN A 262 5.48 36.63 -12.30
N SER A 263 5.67 36.15 -13.53
CA SER A 263 4.56 36.01 -14.47
C SER A 263 4.09 34.57 -14.57
N GLN A 264 4.74 33.69 -13.81
CA GLN A 264 4.40 32.28 -13.79
C GLN A 264 3.55 32.02 -12.56
N MET A 265 2.58 31.13 -12.68
CA MET A 265 1.75 30.78 -11.53
C MET A 265 2.21 29.42 -11.03
N ALA A 266 2.41 29.31 -9.71
CA ALA A 266 2.86 28.06 -9.08
C ALA A 266 1.65 27.28 -8.58
N VAL A 267 1.41 26.07 -9.10
CA VAL A 267 0.23 25.35 -8.67
C VAL A 267 0.31 23.95 -8.09
N GLY A 268 1.32 23.17 -8.40
CA GLY A 268 1.33 21.83 -7.85
C GLY A 268 1.71 20.86 -8.95
N GLN A 269 1.09 21.05 -10.10
CA GLN A 269 1.37 20.24 -11.28
C GLN A 269 2.14 21.16 -12.24
N GLU A 270 3.44 20.90 -12.38
CA GLU A 270 4.36 21.68 -13.22
C GLU A 270 3.87 22.10 -14.61
N VAL A 271 3.06 21.25 -15.24
CA VAL A 271 2.60 21.49 -16.59
C VAL A 271 1.31 22.31 -16.74
N PHE A 272 0.68 22.68 -15.62
CA PHE A 272 -0.58 23.41 -15.72
C PHE A 272 -0.55 24.82 -16.26
N GLY A 273 0.62 25.44 -16.31
CA GLY A 273 0.67 26.81 -16.81
C GLY A 273 0.55 26.84 -18.33
N LEU A 274 0.31 25.68 -18.92
CA LEU A 274 0.21 25.59 -20.37
C LEU A 274 -1.20 25.64 -20.94
N LEU A 275 -2.20 25.96 -20.10
CA LEU A 275 -3.57 26.06 -20.57
C LEU A 275 -4.47 26.79 -19.58
N PRO A 276 -5.20 27.79 -20.06
CA PRO A 276 -6.08 28.52 -19.15
C PRO A 276 -7.02 27.54 -18.47
N GLY A 277 -7.52 26.58 -19.25
CA GLY A 277 -8.44 25.58 -18.71
C GLY A 277 -7.88 24.89 -17.48
N LEU A 278 -6.60 24.54 -17.52
CA LEU A 278 -5.95 23.87 -16.42
C LEU A 278 -5.76 24.81 -15.23
N MET A 279 -5.22 25.99 -15.47
CA MET A 279 -4.98 26.94 -14.39
C MET A 279 -6.31 27.40 -13.78
N LEU A 280 -7.37 27.33 -14.57
CA LEU A 280 -8.70 27.70 -14.12
C LEU A 280 -9.05 26.78 -12.94
N TYR A 281 -9.01 25.48 -13.20
CA TYR A 281 -9.31 24.50 -12.16
C TYR A 281 -8.30 24.59 -11.01
N ALA A 282 -7.06 24.92 -11.34
CA ALA A 282 -6.05 25.04 -10.30
C ALA A 282 -6.48 26.16 -9.35
N THR A 283 -7.03 27.22 -9.92
CA THR A 283 -7.50 28.37 -9.15
C THR A 283 -8.73 28.02 -8.34
N ILE A 284 -9.67 27.34 -8.99
CA ILE A 284 -10.90 26.96 -8.33
C ILE A 284 -10.57 26.10 -7.11
N TRP A 285 -9.83 25.02 -7.32
CA TRP A 285 -9.48 24.13 -6.22
C TRP A 285 -8.65 24.81 -5.11
N LEU A 286 -7.79 25.75 -5.48
CA LEU A 286 -6.99 26.45 -4.48
C LEU A 286 -7.92 27.29 -3.63
N ARG A 287 -8.81 28.03 -4.29
CA ARG A 287 -9.77 28.85 -3.56
C ARG A 287 -10.57 27.98 -2.58
N GLU A 288 -10.99 26.81 -3.04
CA GLU A 288 -11.77 25.87 -2.22
C GLU A 288 -10.98 25.35 -1.01
N HIS A 289 -9.70 25.07 -1.20
CA HIS A 289 -8.90 24.58 -0.09
C HIS A 289 -8.86 25.63 1.01
N ASN A 290 -8.51 26.86 0.66
CA ASN A 290 -8.44 27.94 1.65
C ASN A 290 -9.81 28.18 2.30
N ARG A 291 -10.87 27.99 1.52
CA ARG A 291 -12.22 28.18 2.03
C ARG A 291 -12.50 27.14 3.12
N VAL A 292 -12.16 25.88 2.85
CA VAL A 292 -12.37 24.83 3.83
C VAL A 292 -11.55 25.09 5.10
N CYS A 293 -10.34 25.61 4.93
CA CYS A 293 -9.49 25.92 6.09
C CYS A 293 -10.22 26.88 7.01
N ASP A 294 -10.88 27.87 6.42
CA ASP A 294 -11.63 28.86 7.20
C ASP A 294 -12.69 28.16 8.04
N LEU A 295 -13.54 27.37 7.39
CA LEU A 295 -14.60 26.64 8.06
C LEU A 295 -14.03 25.76 9.18
N LEU A 296 -12.90 25.12 8.90
CA LEU A 296 -12.27 24.25 9.89
C LEU A 296 -11.81 25.05 11.10
N LYS A 297 -11.14 26.18 10.88
CA LYS A 297 -10.66 27.00 11.98
C LYS A 297 -11.81 27.46 12.87
N ALA A 298 -12.95 27.74 12.27
CA ALA A 298 -14.12 28.17 13.02
C ALA A 298 -14.55 27.07 13.97
N GLU A 299 -14.37 25.84 13.52
CA GLU A 299 -14.74 24.65 14.29
C GLU A 299 -13.66 24.30 15.31
N HIS A 300 -12.39 24.47 14.92
CA HIS A 300 -11.28 24.13 15.80
C HIS A 300 -10.25 25.22 15.99
N PRO A 301 -10.57 26.19 16.85
CA PRO A 301 -9.65 27.30 17.12
C PRO A 301 -8.31 26.86 17.71
N THR A 302 -8.27 25.67 18.32
CA THR A 302 -7.02 25.20 18.92
C THR A 302 -6.07 24.54 17.92
N TRP A 303 -6.57 24.19 16.74
CA TRP A 303 -5.74 23.54 15.73
C TRP A 303 -4.62 24.39 15.15
N GLY A 304 -3.52 23.74 14.81
CA GLY A 304 -2.39 24.43 14.23
C GLY A 304 -2.49 24.39 12.71
N ASP A 305 -1.48 24.95 12.06
CA ASP A 305 -1.44 25.01 10.62
C ASP A 305 -1.45 23.60 9.97
N GLU A 306 -0.58 22.71 10.44
CA GLU A 306 -0.52 21.35 9.89
C GLU A 306 -1.87 20.63 9.83
N GLN A 307 -2.51 20.48 10.98
CA GLN A 307 -3.78 19.79 11.03
C GLN A 307 -4.84 20.46 10.14
N LEU A 308 -4.88 21.80 10.14
CA LEU A 308 -5.83 22.49 9.29
C LEU A 308 -5.54 22.16 7.81
N PHE A 309 -4.26 22.19 7.45
CA PHE A 309 -3.87 21.87 6.08
C PHE A 309 -4.20 20.43 5.70
N GLN A 310 -3.76 19.49 6.53
CA GLN A 310 -3.99 18.07 6.29
C GLN A 310 -5.46 17.72 6.18
N THR A 311 -6.23 18.20 7.15
CA THR A 311 -7.67 17.93 7.18
C THR A 311 -8.37 18.54 5.97
N ALA A 312 -7.93 19.72 5.55
CA ALA A 312 -8.57 20.33 4.39
C ALA A 312 -8.27 19.48 3.16
N ARG A 313 -7.04 18.96 3.07
CA ARG A 313 -6.66 18.13 1.93
C ARG A 313 -7.55 16.91 1.85
N LEU A 314 -7.81 16.28 3.00
CA LEU A 314 -8.66 15.10 3.03
C LEU A 314 -10.08 15.44 2.53
N ILE A 315 -10.60 16.57 2.96
CA ILE A 315 -11.92 17.00 2.54
C ILE A 315 -11.97 17.19 1.02
N LEU A 316 -10.93 17.82 0.47
CA LEU A 316 -10.88 18.03 -0.97
C LEU A 316 -10.75 16.71 -1.74
N ILE A 317 -10.06 15.73 -1.16
CA ILE A 317 -9.93 14.44 -1.83
C ILE A 317 -11.35 13.87 -1.90
N GLY A 318 -12.06 13.93 -0.77
CA GLY A 318 -13.41 13.42 -0.70
C GLY A 318 -14.31 14.15 -1.69
N GLU A 319 -14.21 15.47 -1.73
CA GLU A 319 -15.02 16.25 -2.66
C GLU A 319 -14.75 15.80 -4.09
N THR A 320 -13.47 15.62 -4.41
CA THR A 320 -13.07 15.22 -5.76
C THR A 320 -13.68 13.87 -6.16
N ILE A 321 -13.63 12.90 -5.25
CA ILE A 321 -14.20 11.59 -5.56
C ILE A 321 -15.71 11.68 -5.76
N LYS A 322 -16.36 12.44 -4.89
CA LYS A 322 -17.80 12.65 -4.95
C LYS A 322 -18.22 13.23 -6.31
N ILE A 323 -17.63 14.37 -6.66
CA ILE A 323 -17.97 15.01 -7.91
C ILE A 323 -17.65 14.13 -9.11
N VAL A 324 -16.53 13.41 -9.04
CA VAL A 324 -16.13 12.56 -10.16
C VAL A 324 -17.11 11.42 -10.45
N ILE A 325 -17.59 10.77 -9.39
CA ILE A 325 -18.50 9.65 -9.59
C ILE A 325 -19.90 10.09 -9.96
N GLU A 326 -20.47 10.96 -9.12
CA GLU A 326 -21.84 11.44 -9.31
C GLU A 326 -22.11 12.45 -10.42
N GLU A 327 -21.09 13.15 -10.89
CA GLU A 327 -21.30 14.10 -11.95
C GLU A 327 -20.45 13.84 -13.19
N TYR A 328 -19.15 13.68 -13.00
CA TYR A 328 -18.21 13.45 -14.11
C TYR A 328 -18.52 12.12 -14.83
N VAL A 329 -18.47 11.02 -14.10
CA VAL A 329 -18.76 9.71 -14.68
C VAL A 329 -20.22 9.61 -15.11
N GLN A 330 -21.10 10.30 -14.40
CA GLN A 330 -22.52 10.27 -14.75
C GLN A 330 -22.67 10.83 -16.16
N GLN A 331 -22.12 12.02 -16.36
CA GLN A 331 -22.18 12.70 -17.66
C GLN A 331 -21.59 11.81 -18.74
N LEU A 332 -20.42 11.30 -18.44
CA LEU A 332 -19.64 10.45 -19.33
C LEU A 332 -20.33 9.14 -19.72
N SER A 333 -21.05 8.52 -18.79
CA SER A 333 -21.72 7.25 -19.07
C SER A 333 -23.10 7.39 -19.69
N GLY A 334 -23.77 8.48 -19.36
CA GLY A 334 -25.11 8.71 -19.88
C GLY A 334 -26.16 7.77 -19.31
N TYR A 335 -25.82 7.08 -18.23
CA TYR A 335 -26.75 6.14 -17.61
C TYR A 335 -27.91 6.83 -16.94
N PHE A 336 -29.05 6.13 -16.88
CA PHE A 336 -30.24 6.65 -16.23
C PHE A 336 -30.15 6.29 -14.76
N LEU A 337 -29.24 5.36 -14.47
CA LEU A 337 -29.01 4.95 -13.09
C LEU A 337 -28.26 6.10 -12.44
N GLN A 338 -28.64 6.48 -11.23
CA GLN A 338 -27.96 7.57 -10.57
C GLN A 338 -26.73 7.03 -9.82
N LEU A 339 -25.56 7.21 -10.41
CA LEU A 339 -24.33 6.75 -9.78
C LEU A 339 -24.25 7.35 -8.38
N LYS A 340 -23.64 6.62 -7.46
CA LYS A 340 -23.56 7.12 -6.09
C LYS A 340 -22.22 6.91 -5.44
N PHE A 341 -21.74 7.93 -4.73
CA PHE A 341 -20.48 7.79 -4.03
C PHE A 341 -20.77 7.56 -2.56
N ASP A 342 -20.68 6.31 -2.15
CA ASP A 342 -20.91 5.94 -0.76
C ASP A 342 -19.94 4.83 -0.38
N PRO A 343 -18.82 5.19 0.24
CA PRO A 343 -17.85 4.16 0.64
C PRO A 343 -18.50 2.99 1.38
N GLU A 344 -19.53 3.26 2.17
CA GLU A 344 -20.18 2.19 2.93
C GLU A 344 -20.72 1.05 2.07
N LEU A 345 -21.01 1.33 0.80
CA LEU A 345 -21.52 0.32 -0.12
C LEU A 345 -20.56 -0.87 -0.25
N LEU A 346 -19.30 -0.70 0.14
CA LEU A 346 -18.33 -1.80 0.04
C LEU A 346 -17.91 -2.35 1.39
N PHE A 347 -18.44 -1.79 2.46
CA PHE A 347 -18.05 -2.26 3.78
C PHE A 347 -18.36 -3.73 4.06
N GLY A 348 -19.27 -4.32 3.30
CA GLY A 348 -19.58 -5.71 3.52
C GLY A 348 -18.88 -6.59 2.49
N ALA A 349 -18.12 -5.96 1.62
CA ALA A 349 -17.42 -6.67 0.56
C ALA A 349 -15.93 -6.84 0.80
N GLN A 350 -15.33 -7.73 0.03
CA GLN A 350 -13.90 -7.98 0.09
C GLN A 350 -13.34 -7.01 -0.94
N PHE A 351 -12.52 -6.07 -0.48
CA PHE A 351 -11.98 -5.04 -1.38
C PHE A 351 -10.69 -4.45 -0.81
N GLN A 352 -9.66 -4.33 -1.64
CA GLN A 352 -8.39 -3.77 -1.18
C GLN A 352 -8.36 -2.27 -1.40
N TYR A 353 -8.25 -1.51 -0.31
CA TYR A 353 -8.20 -0.06 -0.39
C TYR A 353 -6.82 0.44 -0.82
N ARG A 354 -6.38 -0.01 -1.98
CA ARG A 354 -5.09 0.42 -2.53
C ARG A 354 -5.24 0.49 -4.04
N ASN A 355 -4.39 1.27 -4.69
CA ASN A 355 -4.46 1.38 -6.15
C ASN A 355 -3.12 1.63 -6.79
N ARG A 356 -2.97 1.17 -8.01
CA ARG A 356 -1.73 1.35 -8.74
C ARG A 356 -2.05 1.65 -10.19
N ILE A 357 -1.64 2.81 -10.67
CA ILE A 357 -1.90 3.22 -12.04
C ILE A 357 -1.24 2.29 -13.06
N ALA A 358 -2.05 1.83 -14.01
CA ALA A 358 -1.58 0.94 -15.06
C ALA A 358 -1.23 1.73 -16.32
N MET A 359 -0.26 1.24 -17.09
CA MET A 359 0.12 1.94 -18.30
C MET A 359 -1.05 1.98 -19.28
N GLU A 360 -1.81 0.88 -19.33
CA GLU A 360 -2.96 0.82 -20.22
C GLU A 360 -3.99 1.90 -19.90
N PHE A 361 -4.17 2.18 -18.62
CA PHE A 361 -5.10 3.20 -18.17
C PHE A 361 -4.61 4.57 -18.68
N ASN A 362 -3.30 4.76 -18.70
CA ASN A 362 -2.72 6.01 -19.19
C ASN A 362 -3.05 6.16 -20.68
N GLN A 363 -2.77 5.11 -21.45
CA GLN A 363 -3.05 5.11 -22.89
C GLN A 363 -4.52 5.41 -23.16
N LEU A 364 -5.38 4.59 -22.59
CA LEU A 364 -6.82 4.70 -22.75
C LEU A 364 -7.37 6.09 -22.44
N TYR A 365 -6.74 6.82 -21.52
CA TYR A 365 -7.21 8.14 -21.14
C TYR A 365 -6.71 9.31 -22.00
N HIS A 366 -6.05 9.02 -23.12
CA HIS A 366 -5.61 10.12 -23.96
C HIS A 366 -6.81 10.61 -24.77
N TRP A 367 -7.63 11.43 -24.12
CA TRP A 367 -8.85 11.94 -24.73
C TRP A 367 -8.72 13.25 -25.49
N HIS A 368 -7.66 13.36 -26.29
CA HIS A 368 -7.44 14.55 -27.07
C HIS A 368 -8.53 14.92 -28.07
N PRO A 369 -9.36 13.95 -28.51
CA PRO A 369 -10.41 14.32 -29.46
C PRO A 369 -11.39 15.33 -28.85
N LEU A 370 -11.44 15.38 -27.52
CA LEU A 370 -12.33 16.28 -26.84
C LEU A 370 -12.07 17.75 -27.18
N MET A 371 -10.80 18.11 -27.38
CA MET A 371 -10.45 19.50 -27.69
C MET A 371 -11.05 19.96 -29.01
N PRO A 372 -11.51 21.23 -29.06
CA PRO A 372 -12.12 21.84 -30.24
C PRO A 372 -11.18 22.41 -31.30
N ASP A 373 -11.78 23.06 -32.29
CA ASP A 373 -11.02 23.67 -33.38
C ASP A 373 -10.47 25.01 -32.89
N SER A 374 -11.19 25.63 -31.95
CA SER A 374 -10.79 26.91 -31.39
C SER A 374 -11.57 27.08 -30.09
N PHE A 375 -11.19 28.06 -29.29
CA PHE A 375 -11.84 28.29 -28.01
C PHE A 375 -12.65 29.57 -27.91
N ARG A 376 -13.97 29.41 -27.89
CA ARG A 376 -14.89 30.52 -27.82
C ARG A 376 -15.17 31.01 -26.41
N VAL A 377 -14.83 32.27 -26.16
CA VAL A 377 -15.07 32.90 -24.88
C VAL A 377 -15.88 34.14 -25.20
N GLY A 378 -17.21 34.05 -25.04
CA GLY A 378 -18.08 35.15 -25.35
C GLY A 378 -18.05 35.44 -26.84
N PRO A 379 -17.96 36.73 -27.23
CA PRO A 379 -17.92 37.07 -28.66
C PRO A 379 -16.58 36.69 -29.30
N GLN A 380 -15.54 36.62 -28.48
CA GLN A 380 -14.21 36.27 -28.97
C GLN A 380 -13.99 34.79 -29.23
N ASP A 381 -13.23 34.51 -30.30
CA ASP A 381 -12.89 33.15 -30.66
C ASP A 381 -11.37 33.05 -30.71
N TYR A 382 -10.80 32.31 -29.77
CA TYR A 382 -9.35 32.17 -29.69
C TYR A 382 -8.83 30.92 -30.36
N SER A 383 -7.65 31.06 -30.98
CA SER A 383 -7.02 29.94 -31.67
C SER A 383 -6.06 29.24 -30.71
N TYR A 384 -5.61 28.06 -31.10
CA TYR A 384 -4.69 27.27 -30.30
C TYR A 384 -3.47 28.11 -30.00
N GLU A 385 -3.06 28.91 -30.98
CA GLU A 385 -1.91 29.78 -30.85
C GLU A 385 -2.13 30.92 -29.86
N GLN A 386 -3.39 31.31 -29.67
CA GLN A 386 -3.71 32.40 -28.75
C GLN A 386 -4.03 31.83 -27.37
N PHE A 387 -4.39 30.55 -27.35
CA PHE A 387 -4.81 29.87 -26.13
C PHE A 387 -3.72 29.13 -25.35
N LEU A 388 -2.97 28.27 -26.03
CA LEU A 388 -1.97 27.46 -25.37
C LEU A 388 -1.06 28.02 -24.27
N PHE A 389 -0.15 28.94 -24.56
CA PHE A 389 0.68 29.39 -23.45
C PHE A 389 0.29 30.76 -22.92
N ASN A 390 -1.01 31.05 -23.01
CA ASN A 390 -1.55 32.32 -22.57
C ASN A 390 -1.48 32.49 -21.05
N THR A 391 -0.70 33.47 -20.62
CA THR A 391 -0.52 33.72 -19.20
C THR A 391 -1.43 34.81 -18.65
N SER A 392 -2.29 35.37 -19.51
CA SER A 392 -3.17 36.44 -19.05
C SER A 392 -4.68 36.19 -19.17
N MET A 393 -5.06 35.29 -20.07
CA MET A 393 -6.49 35.02 -20.28
C MET A 393 -7.26 34.73 -18.99
N LEU A 394 -6.72 33.85 -18.16
CA LEU A 394 -7.40 33.50 -16.91
C LEU A 394 -7.69 34.73 -16.04
N VAL A 395 -6.70 35.59 -15.87
CA VAL A 395 -6.88 36.79 -15.06
C VAL A 395 -7.71 37.84 -15.80
N ASP A 396 -7.54 37.94 -17.11
CA ASP A 396 -8.30 38.92 -17.88
C ASP A 396 -9.80 38.67 -17.69
N TYR A 397 -10.23 37.43 -17.93
CA TYR A 397 -11.64 37.09 -17.81
C TYR A 397 -12.11 36.69 -16.42
N GLY A 398 -11.25 36.07 -15.63
CA GLY A 398 -11.65 35.65 -14.30
C GLY A 398 -12.32 34.28 -14.35
N VAL A 399 -12.49 33.65 -13.19
CA VAL A 399 -13.08 32.32 -13.10
C VAL A 399 -14.49 32.18 -13.68
N GLU A 400 -15.44 32.96 -13.17
CA GLU A 400 -16.83 32.89 -13.64
C GLU A 400 -16.95 32.92 -15.16
N ALA A 401 -16.30 33.88 -15.80
CA ALA A 401 -16.36 34.02 -17.25
C ALA A 401 -15.90 32.77 -17.99
N LEU A 402 -14.74 32.24 -17.59
CA LEU A 402 -14.22 31.06 -18.25
C LEU A 402 -15.08 29.84 -17.98
N VAL A 403 -15.55 29.68 -16.74
CA VAL A 403 -16.39 28.53 -16.43
C VAL A 403 -17.62 28.56 -17.33
N ASP A 404 -18.19 29.74 -17.50
CA ASP A 404 -19.39 29.90 -18.33
C ASP A 404 -19.10 29.53 -19.78
N ALA A 405 -17.97 30.03 -20.29
CA ALA A 405 -17.59 29.76 -21.67
C ALA A 405 -17.33 28.28 -21.89
N PHE A 406 -16.52 27.69 -21.03
CA PHE A 406 -16.19 26.28 -21.16
C PHE A 406 -17.40 25.37 -20.95
N SER A 407 -18.36 25.82 -20.16
CA SER A 407 -19.54 25.03 -19.89
C SER A 407 -20.49 25.10 -21.07
N ARG A 408 -20.33 26.13 -21.89
CA ARG A 408 -21.19 26.32 -23.06
C ARG A 408 -20.67 25.73 -24.36
N GLN A 409 -19.35 25.55 -24.46
CA GLN A 409 -18.80 25.03 -25.69
C GLN A 409 -18.71 23.51 -25.73
N PRO A 410 -19.31 22.91 -26.76
CA PRO A 410 -19.27 21.45 -26.87
C PRO A 410 -17.86 20.90 -27.11
N ALA A 411 -17.61 19.71 -26.58
CA ALA A 411 -16.34 19.04 -26.72
C ALA A 411 -16.51 18.01 -27.82
N GLY A 412 -15.42 17.62 -28.46
CA GLY A 412 -15.51 16.65 -29.53
C GLY A 412 -15.79 15.23 -29.07
N ARG A 413 -16.32 14.41 -29.97
CA ARG A 413 -16.60 13.03 -29.65
C ARG A 413 -15.25 12.32 -29.54
N ILE A 414 -15.13 11.46 -28.53
CA ILE A 414 -13.88 10.74 -28.31
C ILE A 414 -13.66 9.58 -29.26
N GLY A 415 -14.63 8.68 -29.36
CA GLY A 415 -14.49 7.55 -30.25
C GLY A 415 -15.03 7.84 -31.65
N GLY A 416 -14.88 6.88 -32.56
CA GLY A 416 -15.38 7.08 -33.90
C GLY A 416 -14.27 7.31 -34.92
N GLY A 417 -13.18 7.91 -34.47
CA GLY A 417 -12.07 8.18 -35.36
C GLY A 417 -12.12 9.53 -36.04
N ARG A 418 -11.03 9.85 -36.74
CA ARG A 418 -10.89 11.10 -37.46
C ARG A 418 -11.44 12.32 -36.72
N ASN A 419 -11.11 12.49 -35.44
CA ASN A 419 -11.62 13.65 -34.69
C ASN A 419 -10.63 14.36 -33.77
N ILE A 420 -9.32 14.17 -33.99
CA ILE A 420 -8.31 14.85 -33.20
C ILE A 420 -7.78 16.05 -33.99
N ASP A 421 -7.80 17.23 -33.36
CA ASP A 421 -7.33 18.46 -33.99
C ASP A 421 -5.84 18.33 -34.37
N HIS A 422 -5.49 18.82 -35.55
CA HIS A 422 -4.10 18.72 -36.02
C HIS A 422 -3.07 19.31 -35.06
N HIS A 423 -3.47 20.34 -34.32
CA HIS A 423 -2.57 20.99 -33.36
C HIS A 423 -2.02 20.01 -32.33
N ILE A 424 -2.80 18.99 -31.99
CA ILE A 424 -2.34 18.04 -30.99
C ILE A 424 -2.26 16.59 -31.44
N LEU A 425 -2.36 16.36 -32.75
CA LEU A 425 -2.29 15.01 -33.30
C LEU A 425 -0.98 14.31 -32.94
N HIS A 426 0.08 15.09 -32.73
CA HIS A 426 1.39 14.53 -32.41
C HIS A 426 1.38 13.69 -31.13
N VAL A 427 0.47 14.01 -30.22
CA VAL A 427 0.37 13.26 -28.99
C VAL A 427 -0.08 11.83 -29.29
N ALA A 428 -1.07 11.68 -30.16
CA ALA A 428 -1.56 10.35 -30.53
C ALA A 428 -0.41 9.56 -31.17
N VAL A 429 0.33 10.22 -32.05
CA VAL A 429 1.44 9.58 -32.71
C VAL A 429 2.41 9.01 -31.66
N ASP A 430 2.67 9.81 -30.62
CA ASP A 430 3.59 9.37 -29.58
C ASP A 430 3.01 8.27 -28.70
N VAL A 431 1.70 8.32 -28.47
CA VAL A 431 1.06 7.29 -27.67
C VAL A 431 1.23 5.94 -28.37
N ILE A 432 1.08 5.95 -29.68
CA ILE A 432 1.22 4.71 -30.45
C ILE A 432 2.67 4.23 -30.40
N LYS A 433 3.62 5.16 -30.48
CA LYS A 433 5.02 4.80 -30.42
C LYS A 433 5.39 4.24 -29.05
N GLU A 434 4.88 4.87 -28.00
CA GLU A 434 5.17 4.42 -26.64
C GLU A 434 4.58 3.01 -26.43
N SER A 435 3.40 2.81 -27.00
CA SER A 435 2.72 1.52 -26.89
C SER A 435 3.65 0.41 -27.37
N ARG A 436 4.34 0.67 -28.47
CA ARG A 436 5.25 -0.33 -29.03
C ARG A 436 6.49 -0.50 -28.16
N VAL A 437 6.95 0.59 -27.56
CA VAL A 437 8.10 0.52 -26.69
C VAL A 437 7.67 -0.29 -25.46
N LEU A 438 6.47 0.01 -24.97
CA LEU A 438 5.94 -0.72 -23.82
C LEU A 438 5.57 -2.16 -24.22
N ARG A 439 5.59 -2.45 -25.52
CA ARG A 439 5.24 -3.77 -26.04
C ARG A 439 3.89 -4.25 -25.52
N LEU A 440 2.90 -3.37 -25.63
CA LEU A 440 1.54 -3.65 -25.20
C LEU A 440 0.95 -4.74 -26.08
N GLN A 441 0.20 -5.66 -25.48
CA GLN A 441 -0.41 -6.74 -26.22
C GLN A 441 -1.49 -6.20 -27.16
N PRO A 442 -1.92 -7.01 -28.13
CA PRO A 442 -2.95 -6.59 -29.08
C PRO A 442 -4.32 -6.26 -28.47
N PHE A 443 -5.03 -5.35 -29.13
CA PHE A 443 -6.36 -4.93 -28.69
C PHE A 443 -7.25 -6.11 -28.32
N ASN A 444 -7.39 -7.09 -29.21
CA ASN A 444 -8.22 -8.25 -28.90
C ASN A 444 -7.83 -8.97 -27.62
N GLU A 445 -6.56 -9.00 -27.28
CA GLU A 445 -6.17 -9.65 -26.05
C GLU A 445 -6.74 -8.88 -24.87
N TYR A 446 -6.75 -7.56 -24.98
CA TYR A 446 -7.30 -6.72 -23.92
C TYR A 446 -8.80 -6.84 -23.89
N ARG A 447 -9.39 -7.10 -25.05
CA ARG A 447 -10.84 -7.26 -25.10
C ARG A 447 -11.19 -8.44 -24.18
N LYS A 448 -10.48 -9.56 -24.38
CA LYS A 448 -10.72 -10.76 -23.58
C LYS A 448 -10.45 -10.52 -22.10
N ARG A 449 -9.32 -9.90 -21.79
CA ARG A 449 -8.92 -9.62 -20.42
C ARG A 449 -10.00 -8.82 -19.69
N PHE A 450 -10.80 -8.07 -20.43
CA PHE A 450 -11.85 -7.30 -19.80
C PHE A 450 -13.26 -7.83 -20.03
N GLY A 451 -13.35 -9.13 -20.31
CA GLY A 451 -14.63 -9.78 -20.50
C GLY A 451 -15.36 -9.72 -21.82
N MET A 452 -14.71 -9.23 -22.86
CA MET A 452 -15.35 -9.14 -24.18
C MET A 452 -14.82 -10.16 -25.16
N LYS A 453 -15.63 -10.47 -26.17
CA LYS A 453 -15.20 -11.40 -27.21
C LYS A 453 -14.32 -10.61 -28.15
N PRO A 454 -13.25 -11.22 -28.67
CA PRO A 454 -12.36 -10.49 -29.58
C PRO A 454 -13.06 -10.19 -30.91
N TYR A 455 -12.68 -9.09 -31.55
CA TYR A 455 -13.27 -8.76 -32.84
C TYR A 455 -12.73 -9.75 -33.87
N THR A 456 -13.62 -10.24 -34.72
CA THR A 456 -13.25 -11.21 -35.73
C THR A 456 -12.82 -10.55 -37.04
N SER A 457 -13.01 -9.24 -37.14
CA SER A 457 -12.62 -8.51 -38.35
C SER A 457 -12.66 -7.01 -38.08
N PHE A 458 -12.03 -6.24 -38.96
CA PHE A 458 -12.02 -4.79 -38.81
C PHE A 458 -13.39 -4.18 -39.07
N GLN A 459 -14.13 -4.80 -39.99
CA GLN A 459 -15.46 -4.30 -40.32
C GLN A 459 -16.40 -4.50 -39.14
N GLU A 460 -16.03 -5.40 -38.23
CA GLU A 460 -16.86 -5.65 -37.05
C GLU A 460 -16.46 -4.62 -35.98
N LEU A 461 -15.16 -4.32 -35.95
CA LEU A 461 -14.62 -3.33 -35.03
C LEU A 461 -15.25 -2.00 -35.38
N THR A 462 -14.98 -1.51 -36.58
CA THR A 462 -15.58 -0.25 -37.03
C THR A 462 -16.94 -0.70 -37.51
N GLY A 463 -17.95 0.15 -37.45
CA GLY A 463 -19.24 -0.30 -37.92
C GLY A 463 -19.37 -0.11 -39.42
N GLU A 464 -18.24 0.07 -40.10
CA GLU A 464 -18.29 0.33 -41.53
C GLU A 464 -17.35 -0.48 -42.43
N LYS A 465 -17.10 0.03 -43.64
CA LYS A 465 -16.27 -0.67 -44.61
C LYS A 465 -15.03 0.05 -45.13
N GLU A 466 -15.13 1.36 -45.34
CA GLU A 466 -13.99 2.11 -45.86
C GLU A 466 -12.74 2.01 -44.97
N MET A 467 -12.80 2.51 -43.75
CA MET A 467 -11.65 2.45 -42.84
C MET A 467 -11.27 1.01 -42.52
N ALA A 468 -12.30 0.18 -42.29
CA ALA A 468 -12.07 -1.23 -41.97
C ALA A 468 -11.15 -1.85 -43.01
N ALA A 469 -11.48 -1.65 -44.29
CA ALA A 469 -10.69 -2.20 -45.38
C ALA A 469 -9.25 -1.73 -45.36
N GLU A 470 -9.05 -0.44 -45.12
CA GLU A 470 -7.69 0.10 -45.09
C GLU A 470 -6.89 -0.41 -43.91
N LEU A 471 -7.55 -0.55 -42.76
CA LEU A 471 -6.89 -1.05 -41.57
C LEU A 471 -6.47 -2.50 -41.78
N GLU A 472 -7.34 -3.28 -42.42
CA GLU A 472 -7.03 -4.68 -42.68
C GLU A 472 -5.80 -4.80 -43.55
N GLU A 473 -5.69 -3.93 -44.55
CA GLU A 473 -4.55 -3.95 -45.46
C GLU A 473 -3.27 -3.56 -44.73
N LEU A 474 -3.37 -2.57 -43.84
CA LEU A 474 -2.23 -2.11 -43.09
C LEU A 474 -1.79 -3.10 -42.00
N TYR A 475 -2.72 -3.52 -41.16
CA TYR A 475 -2.39 -4.44 -40.08
C TYR A 475 -2.29 -5.89 -40.52
N GLY A 476 -3.05 -6.24 -41.55
CA GLY A 476 -3.01 -7.60 -42.05
C GLY A 476 -3.92 -8.56 -41.31
N ASP A 477 -4.08 -8.34 -40.00
CA ASP A 477 -4.94 -9.21 -39.19
C ASP A 477 -5.53 -8.48 -38.00
N ILE A 478 -6.84 -8.64 -37.80
CA ILE A 478 -7.51 -7.99 -36.70
C ILE A 478 -6.80 -8.26 -35.37
N ASP A 479 -6.13 -9.39 -35.26
CA ASP A 479 -5.42 -9.74 -34.04
C ASP A 479 -4.10 -9.01 -33.88
N ALA A 480 -3.83 -8.07 -34.77
CA ALA A 480 -2.60 -7.30 -34.69
C ALA A 480 -2.94 -5.86 -34.32
N LEU A 481 -4.23 -5.52 -34.41
CA LEU A 481 -4.69 -4.17 -34.07
C LEU A 481 -4.21 -3.80 -32.65
N GLU A 482 -3.51 -2.67 -32.56
CA GLU A 482 -2.97 -2.20 -31.28
C GLU A 482 -4.02 -1.58 -30.34
N PHE A 483 -3.69 -1.59 -29.05
CA PHE A 483 -4.56 -1.07 -27.99
C PHE A 483 -5.24 0.28 -28.21
N TYR A 484 -4.46 1.35 -28.23
CA TYR A 484 -5.02 2.69 -28.40
C TYR A 484 -5.78 2.86 -29.72
N PRO A 485 -5.19 2.48 -30.85
CA PRO A 485 -5.92 2.64 -32.11
C PRO A 485 -7.27 1.93 -32.03
N GLY A 486 -7.29 0.77 -31.37
CA GLY A 486 -8.52 0.01 -31.24
C GLY A 486 -9.56 0.78 -30.45
N LEU A 487 -9.15 1.39 -29.34
CA LEU A 487 -10.09 2.14 -28.53
C LEU A 487 -10.72 3.30 -29.29
N LEU A 488 -9.90 4.06 -30.02
CA LEU A 488 -10.39 5.21 -30.77
C LEU A 488 -11.14 4.91 -32.07
N LEU A 489 -10.82 3.79 -32.72
CA LEU A 489 -11.48 3.46 -33.97
C LEU A 489 -12.72 2.56 -33.80
N GLU A 490 -12.89 1.96 -32.63
CA GLU A 490 -14.04 1.09 -32.39
C GLU A 490 -15.33 1.89 -32.58
N LYS A 491 -16.33 1.28 -33.21
CA LYS A 491 -17.60 1.97 -33.42
C LYS A 491 -18.21 2.37 -32.08
N CYS A 492 -18.74 3.59 -32.02
CA CYS A 492 -19.33 4.09 -30.80
C CYS A 492 -20.70 3.49 -30.55
N HIS A 493 -21.13 3.53 -29.29
CA HIS A 493 -22.46 3.07 -28.94
C HIS A 493 -23.38 4.08 -29.63
N PRO A 494 -24.62 3.71 -29.93
CA PRO A 494 -25.59 4.59 -30.60
C PRO A 494 -25.26 6.09 -30.68
N ASN A 495 -25.62 6.85 -29.65
CA ASN A 495 -25.35 8.28 -29.64
C ASN A 495 -24.40 8.57 -28.49
N SER A 496 -23.41 7.71 -28.34
CA SER A 496 -22.47 7.84 -27.25
C SER A 496 -21.18 8.53 -27.62
N ILE A 497 -20.43 8.91 -26.58
CA ILE A 497 -19.17 9.61 -26.75
C ILE A 497 -18.05 8.66 -27.21
N PHE A 498 -18.22 7.36 -26.93
CA PHE A 498 -17.24 6.37 -27.37
C PHE A 498 -17.79 4.94 -27.40
N GLY A 499 -16.93 4.01 -27.81
CA GLY A 499 -17.34 2.63 -27.92
C GLY A 499 -17.39 1.88 -26.62
N GLU A 500 -17.86 0.63 -26.67
CA GLU A 500 -17.97 -0.17 -25.47
C GLU A 500 -16.62 -0.44 -24.80
N SER A 501 -15.60 -0.75 -25.59
CA SER A 501 -14.30 -1.04 -25.02
C SER A 501 -13.82 0.04 -24.06
N MET A 502 -13.97 1.30 -24.45
CA MET A 502 -13.55 2.40 -23.58
C MET A 502 -14.22 2.28 -22.22
N ILE A 503 -15.49 1.86 -22.19
CA ILE A 503 -16.23 1.70 -20.95
C ILE A 503 -15.85 0.42 -20.21
N GLU A 504 -15.92 -0.71 -20.90
CA GLU A 504 -15.59 -2.00 -20.29
C GLU A 504 -14.16 -2.08 -19.75
N MET A 505 -13.23 -1.34 -20.36
CA MET A 505 -11.84 -1.36 -19.89
C MET A 505 -11.59 -0.15 -18.99
N GLY A 506 -12.17 0.99 -19.35
CA GLY A 506 -11.98 2.20 -18.58
C GLY A 506 -12.63 2.22 -17.21
N ALA A 507 -13.85 1.69 -17.11
CA ALA A 507 -14.59 1.68 -15.85
C ALA A 507 -13.84 0.96 -14.72
N PRO A 508 -13.33 -0.26 -14.99
CA PRO A 508 -12.60 -0.99 -13.95
C PRO A 508 -11.45 -0.17 -13.38
N PHE A 509 -10.66 0.44 -14.26
CA PHE A 509 -9.54 1.28 -13.83
C PHE A 509 -10.00 2.46 -12.99
N SER A 510 -10.99 3.20 -13.49
CA SER A 510 -11.51 4.37 -12.79
C SER A 510 -12.13 4.08 -11.44
N LEU A 511 -13.11 3.19 -11.41
CA LEU A 511 -13.77 2.88 -10.16
C LEU A 511 -12.82 2.32 -9.11
N LYS A 512 -11.87 1.48 -9.53
CA LYS A 512 -10.91 0.93 -8.57
C LYS A 512 -10.06 2.07 -8.05
N GLY A 513 -9.76 3.02 -8.93
CA GLY A 513 -8.95 4.17 -8.56
C GLY A 513 -9.68 5.09 -7.60
N LEU A 514 -10.99 5.28 -7.80
CA LEU A 514 -11.77 6.13 -6.91
C LEU A 514 -11.99 5.48 -5.53
N LEU A 515 -12.61 4.31 -5.51
CA LEU A 515 -12.88 3.63 -4.25
C LEU A 515 -11.66 2.98 -3.61
N GLY A 516 -10.60 2.79 -4.40
CA GLY A 516 -9.40 2.18 -3.86
C GLY A 516 -8.60 3.12 -2.97
N ASN A 517 -9.08 4.34 -2.85
CA ASN A 517 -8.44 5.36 -2.03
C ASN A 517 -8.63 5.05 -0.54
N PRO A 518 -7.58 5.24 0.28
CA PRO A 518 -7.70 4.96 1.72
C PRO A 518 -8.81 5.69 2.47
N ILE A 519 -9.22 6.88 2.01
CA ILE A 519 -10.28 7.58 2.74
C ILE A 519 -11.62 6.89 2.59
N CYS A 520 -11.70 5.90 1.69
CA CYS A 520 -12.95 5.15 1.48
C CYS A 520 -12.99 3.89 2.33
N SER A 521 -11.94 3.66 3.10
CA SER A 521 -11.89 2.48 3.95
C SER A 521 -12.62 2.73 5.28
N PRO A 522 -13.12 1.65 5.89
CA PRO A 522 -13.83 1.73 7.16
C PRO A 522 -13.03 2.52 8.19
N GLU A 523 -11.71 2.37 8.15
CA GLU A 523 -10.84 3.06 9.09
C GLU A 523 -10.82 4.58 8.92
N TYR A 524 -10.86 5.05 7.68
CA TYR A 524 -10.81 6.50 7.42
C TYR A 524 -12.14 7.19 7.26
N TRP A 525 -13.13 6.51 6.69
CA TRP A 525 -14.44 7.09 6.46
C TRP A 525 -15.22 7.35 7.75
N LYS A 526 -14.74 8.34 8.52
CA LYS A 526 -15.32 8.74 9.79
C LYS A 526 -15.38 10.26 9.79
N ALA A 527 -16.36 10.82 10.51
CA ALA A 527 -16.48 12.26 10.59
C ALA A 527 -15.20 12.88 11.16
N SER A 528 -14.58 12.21 12.14
CA SER A 528 -13.37 12.75 12.77
C SER A 528 -12.24 12.96 11.77
N THR A 529 -12.18 12.11 10.75
CA THR A 529 -11.15 12.21 9.73
C THR A 529 -11.21 13.57 9.03
N PHE A 530 -12.41 14.10 8.86
CA PHE A 530 -12.61 15.37 8.17
C PHE A 530 -12.93 16.57 9.07
N GLY A 531 -12.49 16.52 10.32
CA GLY A 531 -12.74 17.61 11.25
C GLY A 531 -14.13 17.66 11.87
N GLY A 532 -14.90 16.61 11.68
CA GLY A 532 -16.23 16.57 12.26
C GLY A 532 -17.34 16.55 11.23
N GLU A 533 -18.57 16.60 11.72
CA GLU A 533 -19.75 16.56 10.88
C GLU A 533 -19.74 17.61 9.76
N VAL A 534 -19.30 18.83 10.08
CA VAL A 534 -19.26 19.89 9.08
C VAL A 534 -18.32 19.53 7.91
N GLY A 535 -17.14 19.02 8.24
CA GLY A 535 -16.19 18.65 7.20
C GLY A 535 -16.69 17.46 6.39
N PHE A 536 -17.26 16.47 7.09
CA PHE A 536 -17.76 15.27 6.44
C PHE A 536 -18.82 15.61 5.40
N ASN A 537 -19.75 16.50 5.75
CA ASN A 537 -20.82 16.88 4.84
C ASN A 537 -20.30 17.61 3.60
N LEU A 538 -19.17 18.31 3.72
CA LEU A 538 -18.62 18.99 2.55
C LEU A 538 -18.31 17.92 1.52
N VAL A 539 -17.88 16.75 1.97
CA VAL A 539 -17.56 15.67 1.07
C VAL A 539 -18.86 15.02 0.58
N LYS A 540 -19.71 14.64 1.53
CA LYS A 540 -20.96 13.98 1.19
C LYS A 540 -21.90 14.77 0.29
N THR A 541 -21.72 16.09 0.22
CA THR A 541 -22.61 16.89 -0.61
C THR A 541 -21.89 17.75 -1.62
N ALA A 542 -20.65 17.39 -1.94
CA ALA A 542 -19.84 18.15 -2.90
C ALA A 542 -20.56 18.19 -4.25
N THR A 543 -20.33 19.27 -4.99
CA THR A 543 -20.98 19.48 -6.28
C THR A 543 -20.13 20.38 -7.17
N LEU A 544 -20.16 20.15 -8.48
CA LEU A 544 -19.41 20.98 -9.41
C LEU A 544 -19.85 22.44 -9.23
N LYS A 545 -21.16 22.65 -9.23
CA LYS A 545 -21.72 23.98 -9.09
C LYS A 545 -21.24 24.68 -7.81
N LYS A 546 -21.25 23.95 -6.70
CA LYS A 546 -20.82 24.50 -5.43
C LYS A 546 -19.31 24.72 -5.40
N LEU A 547 -18.59 23.82 -6.07
CA LEU A 547 -17.14 23.93 -6.12
C LEU A 547 -16.77 25.28 -6.73
N VAL A 548 -17.48 25.65 -7.79
CA VAL A 548 -17.24 26.91 -8.46
C VAL A 548 -17.88 28.09 -7.74
N CYS A 549 -19.21 28.04 -7.66
CA CYS A 549 -19.98 29.13 -7.06
C CYS A 549 -19.74 29.54 -5.62
N LEU A 550 -19.27 28.64 -4.77
CA LEU A 550 -19.00 29.03 -3.39
C LEU A 550 -17.62 29.68 -3.32
N ASN A 551 -17.01 29.89 -4.48
CA ASN A 551 -15.67 30.49 -4.56
C ASN A 551 -15.55 31.58 -5.62
N THR A 552 -16.67 32.02 -6.16
CA THR A 552 -16.69 33.07 -7.18
C THR A 552 -17.65 34.18 -6.79
N LYS A 553 -17.38 35.39 -7.27
CA LYS A 553 -18.22 36.55 -6.95
C LYS A 553 -19.65 36.33 -7.44
N THR A 554 -19.79 35.77 -8.64
CA THR A 554 -21.11 35.50 -9.19
C THR A 554 -21.15 34.05 -9.64
N CYS A 555 -22.34 33.52 -9.85
CA CYS A 555 -22.48 32.13 -10.25
C CYS A 555 -22.92 32.00 -11.70
N PRO A 556 -22.02 31.48 -12.55
CA PRO A 556 -22.29 31.31 -13.97
C PRO A 556 -22.96 29.98 -14.28
N TYR A 557 -23.13 29.68 -15.56
CA TYR A 557 -23.68 28.40 -15.95
C TYR A 557 -22.52 27.42 -15.78
N VAL A 558 -22.63 26.52 -14.82
CA VAL A 558 -21.57 25.57 -14.58
C VAL A 558 -22.08 24.14 -14.66
N SER A 559 -21.51 23.37 -15.58
CA SER A 559 -21.92 21.98 -15.79
C SER A 559 -20.96 21.23 -16.71
N PHE A 560 -21.11 19.91 -16.76
CA PHE A 560 -20.30 19.06 -17.61
C PHE A 560 -21.06 18.86 -18.90
N HIS A 561 -22.34 19.21 -18.87
CA HIS A 561 -23.22 19.08 -20.03
C HIS A 561 -23.43 20.49 -20.60
N VAL A 562 -23.40 20.58 -21.91
CA VAL A 562 -23.63 21.84 -22.59
C VAL A 562 -25.10 22.21 -22.34
N PRO A 563 -25.44 23.51 -22.32
CA PRO A 563 -26.84 23.89 -22.09
C PRO A 563 -27.73 23.62 -23.29
N VAL B 13 -7.53 23.03 30.79
CA VAL B 13 -6.62 21.95 30.32
C VAL B 13 -7.22 21.18 29.17
N ASN B 14 -6.36 20.67 28.29
CA ASN B 14 -6.77 19.89 27.14
C ASN B 14 -7.61 18.70 27.62
N PRO B 15 -8.89 18.67 27.25
CA PRO B 15 -9.76 17.58 27.67
C PRO B 15 -9.34 16.19 27.16
N CYS B 16 -8.59 16.13 26.06
CA CYS B 16 -8.15 14.83 25.55
C CYS B 16 -7.03 14.22 26.40
N CYS B 17 -6.47 15.00 27.31
CA CYS B 17 -5.42 14.50 28.19
C CYS B 17 -6.00 13.47 29.16
N TYR B 18 -7.32 13.46 29.30
CA TYR B 18 -7.95 12.51 30.19
C TYR B 18 -8.30 11.23 29.46
N TYR B 19 -7.91 11.14 28.20
CA TYR B 19 -8.22 9.95 27.39
C TYR B 19 -9.69 9.58 27.61
N PRO B 20 -10.60 10.57 27.49
CA PRO B 20 -12.02 10.34 27.69
C PRO B 20 -12.66 9.28 26.80
N CYS B 21 -12.36 9.31 25.50
CA CYS B 21 -12.96 8.35 24.59
C CYS B 21 -12.49 6.91 24.79
N GLN B 22 -13.46 6.01 24.98
CA GLN B 22 -13.18 4.60 25.19
C GLN B 22 -13.41 3.78 23.92
N HIS B 23 -12.99 2.52 23.97
CA HIS B 23 -13.17 1.59 22.86
C HIS B 23 -12.83 2.08 21.46
N GLN B 24 -11.64 2.66 21.32
CA GLN B 24 -11.15 3.17 20.05
C GLN B 24 -11.88 4.41 19.52
N GLY B 25 -12.67 5.04 20.37
CA GLY B 25 -13.36 6.26 19.97
C GLY B 25 -12.27 7.31 19.78
N ILE B 26 -12.49 8.27 18.89
CA ILE B 26 -11.46 9.27 18.63
C ILE B 26 -11.75 10.65 19.26
N CYS B 27 -10.86 11.09 20.15
CA CYS B 27 -10.99 12.37 20.84
C CYS B 27 -10.64 13.54 19.93
N VAL B 28 -11.60 14.43 19.70
CA VAL B 28 -11.37 15.60 18.87
C VAL B 28 -11.68 16.89 19.63
N ARG B 29 -10.73 17.81 19.58
CA ARG B 29 -10.84 19.09 20.25
C ARG B 29 -11.84 19.97 19.49
N PHE B 30 -12.80 20.54 20.20
CA PHE B 30 -13.79 21.42 19.56
C PHE B 30 -13.93 22.73 20.32
N GLY B 31 -13.93 23.83 19.59
CA GLY B 31 -14.06 25.11 20.23
C GLY B 31 -12.83 25.34 21.10
N LEU B 32 -12.94 26.26 22.04
CA LEU B 32 -11.82 26.59 22.91
C LEU B 32 -11.49 25.59 24.00
N ASP B 33 -12.50 24.89 24.52
CA ASP B 33 -12.26 23.96 25.62
C ASP B 33 -13.07 22.68 25.58
N ARG B 34 -13.79 22.44 24.50
CA ARG B 34 -14.60 21.23 24.41
C ARG B 34 -13.94 20.08 23.65
N TYR B 35 -14.60 18.93 23.65
CA TYR B 35 -14.11 17.75 22.96
C TYR B 35 -15.30 16.88 22.62
N GLN B 36 -15.15 16.09 21.56
CA GLN B 36 -16.20 15.17 21.16
C GLN B 36 -15.53 13.85 20.83
N CYS B 37 -16.24 12.76 21.01
CA CYS B 37 -15.70 11.44 20.70
C CYS B 37 -16.42 10.87 19.49
N ASP B 38 -15.65 10.50 18.47
CA ASP B 38 -16.24 9.91 17.29
C ASP B 38 -16.27 8.41 17.57
N CYS B 39 -17.45 7.88 17.85
CA CYS B 39 -17.60 6.47 18.19
C CYS B 39 -17.95 5.62 16.98
N THR B 40 -17.88 6.21 15.80
CA THR B 40 -18.21 5.48 14.59
C THR B 40 -17.65 4.05 14.56
N ARG B 41 -18.55 3.09 14.42
CA ARG B 41 -18.19 1.67 14.33
C ARG B 41 -17.43 1.07 15.51
N THR B 42 -17.50 1.72 16.66
CA THR B 42 -16.82 1.20 17.85
C THR B 42 -17.70 0.18 18.56
N GLY B 43 -18.97 0.14 18.20
CA GLY B 43 -19.88 -0.78 18.85
C GLY B 43 -20.48 -0.13 20.09
N TYR B 44 -20.08 1.11 20.36
CA TYR B 44 -20.59 1.86 21.50
C TYR B 44 -21.06 3.24 21.06
N SER B 45 -21.78 3.91 21.96
CA SER B 45 -22.29 5.25 21.70
C SER B 45 -22.18 5.98 23.02
N GLY B 46 -22.62 7.24 23.04
CA GLY B 46 -22.53 8.02 24.26
C GLY B 46 -21.41 9.04 24.14
N PRO B 47 -21.38 10.04 25.03
CA PRO B 47 -20.34 11.07 24.99
C PRO B 47 -18.92 10.49 24.91
N ASN B 48 -18.72 9.34 25.53
CA ASN B 48 -17.40 8.70 25.58
C ASN B 48 -17.30 7.33 24.94
N CYS B 49 -18.32 6.92 24.21
CA CYS B 49 -18.32 5.61 23.57
C CYS B 49 -18.24 4.53 24.65
N THR B 50 -19.10 4.66 25.67
CA THR B 50 -19.14 3.69 26.76
C THR B 50 -20.44 2.89 26.78
N ILE B 51 -21.45 3.39 26.08
CA ILE B 51 -22.77 2.73 26.01
C ILE B 51 -22.77 1.64 24.93
N PRO B 52 -22.60 0.40 25.35
CA PRO B 52 -22.56 -0.73 24.43
C PRO B 52 -23.84 -1.10 23.71
N GLU B 53 -23.67 -1.54 22.46
CA GLU B 53 -24.78 -1.98 21.66
C GLU B 53 -25.04 -3.39 22.16
N ILE B 54 -26.20 -3.93 21.81
CA ILE B 54 -26.57 -5.25 22.28
C ILE B 54 -25.54 -6.35 21.99
N TRP B 55 -25.11 -6.48 20.73
CA TRP B 55 -24.13 -7.50 20.39
C TRP B 55 -22.78 -7.23 21.05
N THR B 56 -22.40 -5.96 21.09
CA THR B 56 -21.13 -5.58 21.70
C THR B 56 -21.11 -6.09 23.12
N TRP B 57 -22.22 -5.91 23.84
CA TRP B 57 -22.31 -6.34 25.22
C TRP B 57 -22.22 -7.85 25.38
N LEU B 58 -22.94 -8.59 24.54
CA LEU B 58 -22.89 -10.06 24.62
C LEU B 58 -21.46 -10.51 24.44
N ARG B 59 -20.87 -10.11 23.33
CA ARG B 59 -19.50 -10.46 23.02
C ARG B 59 -18.57 -10.16 24.20
N THR B 60 -18.61 -8.94 24.72
CA THR B 60 -17.73 -8.59 25.83
C THR B 60 -18.04 -9.30 27.14
N THR B 61 -19.26 -9.80 27.30
CA THR B 61 -19.57 -10.50 28.54
C THR B 61 -19.44 -12.01 28.36
N LEU B 62 -19.42 -12.46 27.12
CA LEU B 62 -19.29 -13.90 26.84
C LEU B 62 -17.83 -14.24 26.54
N ARG B 63 -17.01 -13.21 26.36
CA ARG B 63 -15.60 -13.44 26.05
C ARG B 63 -14.84 -13.78 27.33
N PRO B 64 -14.24 -14.98 27.38
CA PRO B 64 -13.49 -15.37 28.57
C PRO B 64 -12.20 -14.54 28.60
N SER B 65 -11.58 -14.41 29.76
CA SER B 65 -10.37 -13.60 29.87
C SER B 65 -9.17 -14.21 29.16
N PRO B 66 -8.17 -13.38 28.83
CA PRO B 66 -6.98 -13.88 28.15
C PRO B 66 -6.31 -15.00 28.93
N SER B 67 -6.35 -14.91 30.25
CA SER B 67 -5.76 -15.93 31.11
C SER B 67 -6.46 -17.26 30.97
N PHE B 68 -7.79 -17.22 30.93
CA PHE B 68 -8.57 -18.44 30.81
C PHE B 68 -8.27 -19.09 29.46
N ILE B 69 -8.30 -18.31 28.39
CA ILE B 69 -8.03 -18.83 27.07
C ILE B 69 -6.62 -19.41 27.01
N HIS B 70 -5.67 -18.70 27.60
CA HIS B 70 -4.29 -19.15 27.63
C HIS B 70 -4.26 -20.54 28.26
N PHE B 71 -4.97 -20.68 29.37
CA PHE B 71 -5.07 -21.94 30.09
C PHE B 71 -5.56 -23.05 29.15
N LEU B 72 -6.70 -22.81 28.51
CA LEU B 72 -7.26 -23.78 27.58
C LEU B 72 -6.24 -24.18 26.52
N LEU B 73 -5.52 -23.19 26.00
CA LEU B 73 -4.54 -23.44 24.95
C LEU B 73 -3.28 -24.14 25.43
N THR B 74 -3.07 -24.22 26.74
CA THR B 74 -1.86 -24.86 27.25
C THR B 74 -2.10 -26.07 28.14
N HIS B 75 -3.25 -26.70 28.00
CA HIS B 75 -3.58 -27.88 28.79
C HIS B 75 -4.45 -28.81 27.93
N GLY B 76 -4.55 -30.07 28.32
CA GLY B 76 -5.35 -31.01 27.57
C GLY B 76 -4.74 -31.46 26.24
N ARG B 77 -3.44 -31.79 26.25
CA ARG B 77 -2.75 -32.23 25.05
C ARG B 77 -3.57 -33.23 24.23
N TRP B 78 -4.09 -34.25 24.91
CA TRP B 78 -4.90 -35.27 24.25
C TRP B 78 -6.01 -34.65 23.42
N LEU B 79 -6.74 -33.71 24.02
CA LEU B 79 -7.83 -33.07 23.31
C LEU B 79 -7.33 -32.26 22.12
N TRP B 80 -6.25 -31.51 22.32
CA TRP B 80 -5.71 -30.71 21.24
C TRP B 80 -5.20 -31.57 20.10
N ASP B 81 -4.58 -32.71 20.43
CA ASP B 81 -4.07 -33.58 19.38
C ASP B 81 -5.20 -34.02 18.47
N PHE B 82 -6.35 -34.30 19.07
CA PHE B 82 -7.52 -34.72 18.31
C PHE B 82 -8.02 -33.57 17.44
N VAL B 83 -8.08 -32.38 18.04
CA VAL B 83 -8.55 -31.18 17.36
C VAL B 83 -7.63 -30.80 16.21
N ASN B 84 -6.32 -30.79 16.47
CA ASN B 84 -5.36 -30.44 15.44
C ASN B 84 -5.48 -31.30 14.17
N ALA B 85 -6.05 -32.49 14.33
CA ALA B 85 -6.22 -33.39 13.20
C ALA B 85 -7.54 -33.18 12.46
N THR B 86 -8.36 -32.26 12.92
CA THR B 86 -9.64 -31.98 12.27
C THR B 86 -9.67 -30.60 11.66
N PHE B 87 -10.79 -30.26 11.04
CA PHE B 87 -10.96 -28.95 10.41
C PHE B 87 -11.05 -27.86 11.48
N ILE B 88 -11.29 -28.26 12.71
CA ILE B 88 -11.38 -27.31 13.81
C ILE B 88 -10.08 -26.52 13.93
N ARG B 89 -8.97 -27.15 13.54
CA ARG B 89 -7.67 -26.47 13.57
C ARG B 89 -7.74 -25.22 12.69
N ASP B 90 -8.19 -25.42 11.45
CA ASP B 90 -8.31 -24.32 10.50
C ASP B 90 -9.25 -23.25 11.05
N THR B 91 -10.39 -23.71 11.55
CA THR B 91 -11.39 -22.82 12.11
C THR B 91 -10.82 -21.93 13.20
N LEU B 92 -10.09 -22.52 14.13
CA LEU B 92 -9.48 -21.75 15.21
C LEU B 92 -8.38 -20.84 14.70
N MET B 93 -7.57 -21.33 13.75
CA MET B 93 -6.50 -20.51 13.23
C MET B 93 -7.06 -19.29 12.52
N ARG B 94 -8.18 -19.47 11.82
CA ARG B 94 -8.81 -18.36 11.11
C ARG B 94 -9.25 -17.34 12.15
N LEU B 95 -9.83 -17.85 13.23
CA LEU B 95 -10.32 -17.03 14.31
C LEU B 95 -9.18 -16.18 14.87
N VAL B 96 -8.12 -16.85 15.29
CA VAL B 96 -6.95 -16.19 15.85
C VAL B 96 -6.42 -15.12 14.89
N LEU B 97 -6.30 -15.50 13.64
CA LEU B 97 -5.80 -14.60 12.60
C LEU B 97 -6.66 -13.34 12.46
N THR B 98 -7.97 -13.50 12.37
CA THR B 98 -8.85 -12.36 12.19
C THR B 98 -9.10 -11.54 13.45
N VAL B 99 -9.32 -12.21 14.57
CA VAL B 99 -9.57 -11.46 15.79
C VAL B 99 -8.34 -10.65 16.21
N ARG B 100 -7.17 -11.27 16.16
CA ARG B 100 -5.95 -10.55 16.52
C ARG B 100 -5.75 -9.40 15.54
N SER B 101 -5.84 -9.69 14.24
CA SER B 101 -5.66 -8.68 13.19
C SER B 101 -6.58 -7.48 13.26
N ASN B 102 -7.86 -7.69 13.51
CA ASN B 102 -8.79 -6.56 13.56
C ASN B 102 -8.39 -5.47 14.54
N LEU B 103 -7.48 -5.78 15.46
CA LEU B 103 -7.03 -4.78 16.42
C LEU B 103 -6.01 -3.80 15.85
N ILE B 104 -5.55 -4.06 14.63
CA ILE B 104 -4.56 -3.17 14.00
C ILE B 104 -5.20 -2.38 12.88
N PRO B 105 -5.21 -1.04 13.00
CA PRO B 105 -5.82 -0.24 11.94
C PRO B 105 -5.10 -0.37 10.60
N SER B 106 -5.90 -0.58 9.55
CA SER B 106 -5.39 -0.74 8.18
C SER B 106 -6.42 -0.22 7.16
N PRO B 107 -6.07 0.82 6.38
CA PRO B 107 -4.81 1.56 6.35
C PRO B 107 -4.38 2.14 7.70
N PRO B 108 -3.07 2.40 7.87
CA PRO B 108 -2.56 2.95 9.12
C PRO B 108 -3.10 4.34 9.47
N THR B 109 -3.04 4.69 10.75
CA THR B 109 -3.55 5.97 11.20
C THR B 109 -2.54 7.08 11.49
N TYR B 110 -2.01 7.08 12.70
CA TYR B 110 -1.11 8.14 13.13
C TYR B 110 0.39 7.87 13.10
N ASN B 111 1.16 8.96 13.15
CA ASN B 111 2.62 8.87 13.20
C ASN B 111 3.17 9.92 14.18
N ILE B 112 4.48 9.95 14.37
CA ILE B 112 5.10 10.89 15.29
C ILE B 112 4.77 12.35 15.04
N ALA B 113 4.42 12.66 13.80
CA ALA B 113 4.07 14.04 13.44
C ALA B 113 2.60 14.33 13.51
N HIS B 114 1.76 13.35 13.18
CA HIS B 114 0.33 13.57 13.19
C HIS B 114 -0.46 12.67 14.12
N ASP B 115 -1.17 13.29 15.05
CA ASP B 115 -2.01 12.55 15.96
C ASP B 115 -3.43 12.61 15.42
N TYR B 116 -3.54 12.34 14.12
CA TYR B 116 -4.81 12.35 13.42
C TYR B 116 -4.54 11.81 12.02
N ILE B 117 -5.57 11.31 11.36
CA ILE B 117 -5.43 10.78 10.02
C ILE B 117 -5.09 11.90 9.03
N SER B 118 -4.16 11.61 8.12
CA SER B 118 -3.74 12.60 7.13
C SER B 118 -3.12 11.90 5.95
N TRP B 119 -3.17 12.54 4.77
CA TRP B 119 -2.60 11.94 3.59
C TRP B 119 -1.11 11.71 3.74
N GLU B 120 -0.44 12.63 4.44
CA GLU B 120 0.99 12.50 4.65
C GLU B 120 1.29 11.26 5.50
N SER B 121 0.47 10.99 6.50
CA SER B 121 0.71 9.82 7.34
C SER B 121 0.48 8.55 6.51
N PHE B 122 -0.48 8.61 5.61
CA PHE B 122 -0.78 7.46 4.79
C PHE B 122 0.26 7.17 3.71
N SER B 123 0.81 8.20 3.11
CA SER B 123 1.75 8.00 2.02
C SER B 123 3.21 7.98 2.41
N ASN B 124 3.52 8.65 3.52
CA ASN B 124 4.90 8.73 3.95
C ASN B 124 5.45 7.56 4.73
N VAL B 125 6.00 6.62 3.97
CA VAL B 125 6.55 5.39 4.47
C VAL B 125 7.78 5.47 5.38
N SER B 126 8.42 6.64 5.46
CA SER B 126 9.58 6.77 6.32
C SER B 126 9.18 6.88 7.78
N TYR B 127 7.89 7.04 8.02
CA TYR B 127 7.34 7.15 9.37
C TYR B 127 6.88 5.81 9.91
N TYR B 128 7.09 5.59 11.21
CA TYR B 128 6.56 4.39 11.85
C TYR B 128 5.14 4.89 12.15
N THR B 129 4.17 4.00 12.19
CA THR B 129 2.83 4.44 12.52
C THR B 129 2.73 4.21 14.02
N ARG B 130 1.58 4.53 14.59
CA ARG B 130 1.35 4.30 16.01
C ARG B 130 -0.12 3.97 16.19
N ILE B 131 -0.43 3.09 17.15
CA ILE B 131 -1.81 2.69 17.40
C ILE B 131 -2.58 3.71 18.21
N LEU B 132 -1.94 4.27 19.23
CA LEU B 132 -2.59 5.30 20.04
C LEU B 132 -1.88 6.62 19.75
N PRO B 133 -2.64 7.72 19.72
CA PRO B 133 -2.03 9.02 19.45
C PRO B 133 -1.12 9.34 20.62
N SER B 134 -0.22 10.30 20.46
CA SER B 134 0.68 10.63 21.55
C SER B 134 -0.02 11.33 22.70
N VAL B 135 0.70 11.49 23.80
CA VAL B 135 0.18 12.22 24.97
C VAL B 135 0.31 13.67 24.50
N PRO B 136 -0.82 14.39 24.39
CA PRO B 136 -0.75 15.79 23.95
C PRO B 136 0.38 16.55 24.65
N ARG B 137 1.17 17.30 23.88
CA ARG B 137 2.30 18.04 24.44
C ARG B 137 1.93 19.05 25.52
N ASP B 138 0.65 19.41 25.61
CA ASP B 138 0.22 20.39 26.59
C ASP B 138 -0.57 19.82 27.78
N CYS B 139 -0.30 18.57 28.13
CA CYS B 139 -1.00 17.96 29.25
C CYS B 139 -0.29 18.31 30.56
N PRO B 140 -1.03 18.37 31.67
CA PRO B 140 -0.42 18.69 32.97
C PRO B 140 0.71 17.77 33.40
N THR B 141 0.64 16.49 33.04
CA THR B 141 1.72 15.56 33.37
C THR B 141 2.23 14.92 32.11
N PRO B 142 3.42 14.33 32.16
CA PRO B 142 4.05 13.66 31.01
C PRO B 142 3.20 12.54 30.44
N MET B 143 2.45 11.86 31.32
CA MET B 143 1.61 10.76 30.90
C MET B 143 0.17 11.19 30.65
N GLY B 144 -0.09 12.48 30.80
CA GLY B 144 -1.42 13.01 30.58
C GLY B 144 -1.98 13.73 31.79
N THR B 145 -2.61 12.98 32.68
CA THR B 145 -3.22 13.54 33.87
C THR B 145 -2.69 12.93 35.18
N LYS B 146 -2.27 11.68 35.11
CA LYS B 146 -1.77 11.00 36.30
C LYS B 146 -0.26 11.04 36.43
N GLY B 147 0.23 10.62 37.59
CA GLY B 147 1.66 10.58 37.84
C GLY B 147 2.25 11.88 38.35
N LYS B 148 3.58 11.89 38.48
CA LYS B 148 4.29 13.06 38.97
C LYS B 148 4.68 13.94 37.78
N LYS B 149 5.06 15.18 38.08
CA LYS B 149 5.46 16.12 37.03
C LYS B 149 6.66 15.59 36.27
N GLN B 150 7.48 14.80 36.93
CA GLN B 150 8.65 14.22 36.30
C GLN B 150 8.67 12.70 36.42
N LEU B 151 8.94 12.03 35.31
CA LEU B 151 9.00 10.58 35.27
C LEU B 151 10.28 10.07 35.91
N PRO B 152 10.26 8.83 36.41
CA PRO B 152 11.43 8.23 37.05
C PRO B 152 12.65 8.23 36.11
N ASP B 153 13.83 8.41 36.68
CA ASP B 153 15.05 8.39 35.88
C ASP B 153 15.14 7.04 35.13
N ALA B 154 15.31 7.11 33.81
CA ALA B 154 15.39 5.91 32.99
C ALA B 154 16.46 4.92 33.46
N GLU B 155 17.69 5.42 33.66
CA GLU B 155 18.80 4.61 34.12
C GLU B 155 18.45 3.88 35.43
N PHE B 156 18.06 4.64 36.44
CA PHE B 156 17.70 4.11 37.73
C PHE B 156 16.61 3.04 37.60
N LEU B 157 15.57 3.38 36.85
CA LEU B 157 14.46 2.48 36.63
C LEU B 157 14.97 1.17 36.05
N SER B 158 15.91 1.27 35.11
CA SER B 158 16.46 0.09 34.49
C SER B 158 17.35 -0.70 35.43
N ARG B 159 18.23 -0.02 36.15
CA ARG B 159 19.13 -0.69 37.09
C ARG B 159 18.33 -1.38 38.20
N ARG B 160 17.26 -0.72 38.65
CA ARG B 160 16.41 -1.24 39.73
C ARG B 160 15.50 -2.40 39.37
N PHE B 161 14.88 -2.37 38.19
CA PHE B 161 13.95 -3.43 37.85
C PHE B 161 14.20 -4.26 36.59
N LEU B 162 15.25 -3.97 35.82
CA LEU B 162 15.50 -4.74 34.62
C LEU B 162 16.87 -5.38 34.59
N LEU B 163 17.79 -4.84 35.38
CA LEU B 163 19.15 -5.37 35.43
C LEU B 163 19.12 -6.81 35.90
N ARG B 164 19.86 -7.67 35.22
CA ARG B 164 19.92 -9.07 35.59
C ARG B 164 20.89 -9.24 36.77
N ARG B 165 20.49 -10.05 37.74
CA ARG B 165 21.31 -10.33 38.89
C ARG B 165 21.70 -11.78 38.73
N LYS B 166 20.72 -12.67 38.73
CA LYS B 166 20.97 -14.08 38.52
C LYS B 166 20.23 -14.47 37.23
N PHE B 167 20.93 -15.08 36.28
CA PHE B 167 20.30 -15.48 35.03
C PHE B 167 19.07 -16.37 35.22
N ILE B 168 17.95 -15.92 34.68
CA ILE B 168 16.68 -16.64 34.76
C ILE B 168 16.37 -17.23 33.39
N PRO B 169 16.52 -18.55 33.23
CA PRO B 169 16.24 -19.18 31.94
C PRO B 169 14.75 -19.19 31.64
N ASP B 170 14.41 -19.28 30.36
CA ASP B 170 13.00 -19.32 29.95
C ASP B 170 12.39 -20.68 30.27
N PRO B 171 11.34 -20.68 31.09
CA PRO B 171 10.70 -21.95 31.45
C PRO B 171 10.16 -22.73 30.25
N GLN B 172 9.83 -22.05 29.16
CA GLN B 172 9.31 -22.73 27.97
C GLN B 172 10.40 -23.43 27.17
N GLY B 173 11.65 -23.33 27.62
CA GLY B 173 12.75 -23.99 26.94
C GLY B 173 13.30 -23.34 25.68
N THR B 174 13.02 -22.06 25.49
CA THR B 174 13.51 -21.33 24.33
C THR B 174 15.04 -21.26 24.36
N ASN B 175 15.65 -21.46 23.21
CA ASN B 175 17.11 -21.43 23.10
C ASN B 175 17.63 -20.21 22.35
N LEU B 176 18.95 -20.11 22.23
CA LEU B 176 19.57 -18.99 21.53
C LEU B 176 19.34 -19.05 20.02
N MET B 177 19.06 -20.25 19.51
CA MET B 177 18.81 -20.39 18.08
C MET B 177 17.56 -19.55 17.79
N PHE B 178 16.60 -19.60 18.72
CA PHE B 178 15.37 -18.83 18.61
C PHE B 178 15.68 -17.35 18.82
N ALA B 179 16.41 -17.07 19.88
CA ALA B 179 16.79 -15.71 20.22
C ALA B 179 17.48 -14.98 19.07
N PHE B 180 18.38 -15.66 18.38
CA PHE B 180 19.06 -15.02 17.26
C PHE B 180 18.15 -14.89 16.05
N PHE B 181 17.26 -15.85 15.87
CA PHE B 181 16.31 -15.79 14.75
C PHE B 181 15.48 -14.53 14.96
N ALA B 182 14.93 -14.38 16.16
CA ALA B 182 14.11 -13.21 16.51
C ALA B 182 14.79 -11.89 16.16
N GLN B 183 16.04 -11.73 16.61
CA GLN B 183 16.81 -10.52 16.34
C GLN B 183 16.99 -10.34 14.84
N HIS B 184 17.47 -11.39 14.19
CA HIS B 184 17.69 -11.40 12.74
C HIS B 184 16.40 -11.01 12.01
N PHE B 185 15.35 -11.76 12.30
CA PHE B 185 14.04 -11.57 11.68
C PHE B 185 13.44 -10.17 11.82
N THR B 186 13.44 -9.62 13.03
CA THR B 186 12.85 -8.31 13.31
C THR B 186 13.63 -7.13 12.72
N HIS B 187 14.95 -7.27 12.64
CA HIS B 187 15.78 -6.19 12.13
C HIS B 187 15.60 -5.92 10.64
N GLN B 188 14.70 -6.67 10.01
CA GLN B 188 14.41 -6.45 8.61
C GLN B 188 13.30 -5.39 8.54
N PHE B 189 12.49 -5.28 9.59
CA PHE B 189 11.43 -4.27 9.62
C PHE B 189 11.56 -3.25 10.76
N PHE B 190 12.56 -3.42 11.62
CA PHE B 190 12.83 -2.45 12.68
C PHE B 190 14.22 -1.90 12.36
N LYS B 191 14.26 -0.75 11.70
CA LYS B 191 15.52 -0.11 11.35
C LYS B 191 15.33 1.38 11.57
N THR B 192 15.36 1.79 12.83
CA THR B 192 15.16 3.18 13.16
C THR B 192 16.28 4.03 12.61
N SER B 193 15.90 5.10 11.94
CA SER B 193 16.85 6.03 11.34
C SER B 193 17.47 6.95 12.38
N GLY B 194 18.80 6.99 12.41
CA GLY B 194 19.48 7.85 13.36
C GLY B 194 19.49 9.29 12.87
N LYS B 195 19.61 9.45 11.56
CA LYS B 195 19.65 10.76 10.93
C LYS B 195 18.31 11.50 11.03
N MET B 196 17.20 10.78 10.88
CA MET B 196 15.88 11.40 10.95
C MET B 196 15.32 11.46 12.36
N GLY B 197 15.83 10.61 13.25
CA GLY B 197 15.36 10.61 14.62
C GLY B 197 14.35 9.53 14.96
N PRO B 198 13.94 9.42 16.22
CA PRO B 198 12.95 8.39 16.56
C PRO B 198 11.65 8.63 15.83
N GLY B 199 10.90 7.55 15.60
CA GLY B 199 9.64 7.67 14.89
C GLY B 199 9.82 7.52 13.40
N PHE B 200 11.08 7.41 12.98
CA PHE B 200 11.42 7.25 11.56
C PHE B 200 12.18 5.96 11.29
N THR B 201 11.88 5.32 10.17
CA THR B 201 12.55 4.07 9.83
C THR B 201 13.13 4.04 8.42
N LYS B 202 14.11 3.18 8.22
CA LYS B 202 14.74 3.04 6.92
C LYS B 202 14.21 1.76 6.31
N ALA B 203 13.50 0.99 7.12
CA ALA B 203 12.95 -0.27 6.65
C ALA B 203 11.64 -0.05 5.92
N LEU B 204 11.69 0.73 4.84
CA LEU B 204 10.51 0.97 4.04
C LEU B 204 10.21 -0.49 3.70
N GLY B 205 8.98 -0.83 3.40
CA GLY B 205 8.72 -2.23 3.17
C GLY B 205 7.85 -2.67 4.32
N HIS B 206 8.14 -2.12 5.49
CA HIS B 206 7.36 -2.36 6.68
C HIS B 206 6.87 -3.78 6.92
N GLY B 207 7.75 -4.76 6.74
CA GLY B 207 7.34 -6.12 6.99
C GLY B 207 8.34 -7.17 6.55
N VAL B 208 7.82 -8.34 6.25
CA VAL B 208 8.65 -9.45 5.83
C VAL B 208 8.92 -9.32 4.33
N ASP B 209 9.92 -8.52 4.01
CA ASP B 209 10.30 -8.29 2.61
C ASP B 209 11.71 -8.84 2.42
N LEU B 210 12.28 -9.34 3.51
CA LEU B 210 13.62 -9.90 3.52
C LEU B 210 14.70 -8.90 3.15
N GLY B 211 14.46 -7.63 3.48
CA GLY B 211 15.42 -6.60 3.18
C GLY B 211 16.72 -6.77 3.95
N HIS B 212 16.72 -7.59 4.99
CA HIS B 212 17.94 -7.81 5.77
C HIS B 212 18.85 -8.80 5.06
N ILE B 213 18.34 -9.34 3.96
CA ILE B 213 19.09 -10.27 3.14
C ILE B 213 19.41 -9.63 1.80
N TYR B 214 18.45 -8.87 1.27
CA TYR B 214 18.60 -8.23 -0.04
C TYR B 214 18.88 -6.72 -0.02
N GLY B 215 18.82 -6.09 1.15
CA GLY B 215 19.07 -4.66 1.23
C GLY B 215 17.76 -3.89 1.28
N ASP B 216 17.78 -2.71 1.89
CA ASP B 216 16.57 -1.90 1.97
C ASP B 216 16.48 -0.91 0.81
N ASN B 217 17.39 -1.03 -0.14
CA ASN B 217 17.41 -0.18 -1.32
C ASN B 217 18.01 -0.92 -2.52
N LEU B 218 17.63 -0.51 -3.73
CA LEU B 218 18.12 -1.16 -4.94
C LEU B 218 19.63 -1.21 -5.11
N GLU B 219 20.26 -0.05 -4.99
CA GLU B 219 21.70 0.03 -5.13
C GLU B 219 22.40 -1.01 -4.29
N ARG B 220 21.98 -1.12 -3.04
CA ARG B 220 22.60 -2.08 -2.12
C ARG B 220 22.29 -3.50 -2.60
N GLN B 221 21.06 -3.71 -3.05
CA GLN B 221 20.67 -5.01 -3.54
C GLN B 221 21.60 -5.39 -4.68
N TYR B 222 21.63 -4.53 -5.70
CA TYR B 222 22.44 -4.76 -6.88
C TYR B 222 23.90 -5.06 -6.57
N GLN B 223 24.45 -4.41 -5.55
CA GLN B 223 25.83 -4.62 -5.18
C GLN B 223 26.02 -5.99 -4.55
N LEU B 224 24.96 -6.50 -3.95
CA LEU B 224 24.97 -7.79 -3.28
C LEU B 224 24.73 -8.96 -4.24
N ARG B 225 24.11 -8.68 -5.38
CA ARG B 225 23.81 -9.72 -6.35
C ARG B 225 24.94 -10.08 -7.30
N LEU B 226 24.91 -11.34 -7.76
CA LEU B 226 25.91 -11.85 -8.69
C LEU B 226 25.52 -11.44 -10.10
N PHE B 227 24.22 -11.36 -10.34
CA PHE B 227 23.68 -11.04 -11.65
C PHE B 227 23.96 -12.17 -12.60
N LYS B 228 23.89 -13.38 -12.06
CA LYS B 228 24.10 -14.59 -12.81
C LYS B 228 23.32 -15.69 -12.08
N ASP B 229 22.45 -16.38 -12.80
CA ASP B 229 21.64 -17.45 -12.23
C ASP B 229 20.75 -16.97 -11.09
N GLY B 230 20.53 -15.66 -11.04
CA GLY B 230 19.69 -15.06 -10.01
C GLY B 230 20.25 -15.15 -8.61
N LYS B 231 21.53 -15.49 -8.49
CA LYS B 231 22.17 -15.65 -7.20
C LYS B 231 22.75 -14.42 -6.53
N LEU B 232 23.10 -14.60 -5.27
CA LEU B 232 23.70 -13.56 -4.46
C LEU B 232 25.20 -13.82 -4.49
N LYS B 233 26.02 -12.77 -4.41
CA LYS B 233 27.48 -12.95 -4.39
C LYS B 233 27.83 -13.72 -3.13
N TYR B 234 28.98 -14.37 -3.13
CA TYR B 234 29.40 -15.14 -1.97
C TYR B 234 30.89 -15.44 -2.08
N GLN B 235 31.44 -16.07 -1.06
CA GLN B 235 32.85 -16.41 -1.07
C GLN B 235 33.01 -17.78 -0.44
N MET B 236 34.13 -18.43 -0.70
CA MET B 236 34.39 -19.75 -0.15
C MET B 236 35.47 -19.66 0.93
N LEU B 237 35.24 -20.30 2.06
CA LEU B 237 36.21 -20.32 3.14
C LEU B 237 36.13 -21.70 3.79
N ASN B 238 37.28 -22.38 3.82
CA ASN B 238 37.37 -23.73 4.37
C ASN B 238 36.39 -24.62 3.64
N GLY B 239 36.22 -24.36 2.35
CA GLY B 239 35.31 -25.14 1.53
C GLY B 239 33.84 -24.91 1.79
N GLU B 240 33.52 -23.85 2.54
CA GLU B 240 32.14 -23.54 2.85
C GLU B 240 31.72 -22.19 2.24
N VAL B 241 30.43 -22.03 2.04
CA VAL B 241 29.89 -20.80 1.46
C VAL B 241 29.54 -19.77 2.51
N TYR B 242 30.00 -18.54 2.31
CA TYR B 242 29.71 -17.45 3.22
C TYR B 242 29.42 -16.18 2.45
N PRO B 243 28.79 -15.20 3.11
CA PRO B 243 28.50 -13.94 2.43
C PRO B 243 29.85 -13.38 1.97
N PRO B 244 29.85 -12.62 0.86
CA PRO B 244 31.10 -12.04 0.35
C PRO B 244 31.66 -10.95 1.25
N SER B 245 32.87 -10.50 0.96
CA SER B 245 33.47 -9.43 1.75
C SER B 245 33.06 -8.08 1.15
N VAL B 246 33.17 -7.03 1.94
CA VAL B 246 32.82 -5.69 1.48
C VAL B 246 33.69 -5.28 0.30
N GLU B 247 34.78 -6.01 0.09
CA GLU B 247 35.69 -5.73 -0.99
C GLU B 247 35.06 -6.17 -2.32
N GLU B 248 34.32 -7.28 -2.29
CA GLU B 248 33.66 -7.79 -3.50
C GLU B 248 32.26 -7.22 -3.62
N ALA B 249 31.70 -6.85 -2.48
CA ALA B 249 30.36 -6.29 -2.41
C ALA B 249 30.48 -4.98 -1.64
N PRO B 250 30.93 -3.91 -2.33
CA PRO B 250 31.13 -2.57 -1.78
C PRO B 250 29.80 -2.04 -1.25
N VAL B 251 29.47 -2.47 -0.03
CA VAL B 251 28.22 -2.08 0.58
C VAL B 251 28.51 -1.63 2.00
N LEU B 252 27.79 -0.60 2.44
CA LEU B 252 27.98 -0.05 3.78
C LEU B 252 27.61 -1.04 4.89
N MET B 253 28.59 -1.31 5.76
CA MET B 253 28.39 -2.22 6.90
C MET B 253 28.89 -1.47 8.13
N HIS B 254 28.24 -1.69 9.26
CA HIS B 254 28.66 -1.00 10.47
C HIS B 254 29.64 -1.87 11.26
N TYR B 255 30.90 -1.70 10.96
CA TYR B 255 31.96 -2.43 11.63
C TYR B 255 32.77 -1.36 12.37
N PRO B 256 33.39 -1.72 13.50
CA PRO B 256 34.19 -0.71 14.20
C PRO B 256 35.41 -0.35 13.38
N ARG B 257 35.77 0.93 13.36
CA ARG B 257 36.94 1.40 12.63
C ARG B 257 38.16 0.60 13.07
N GLY B 258 38.95 0.15 12.10
CA GLY B 258 40.13 -0.64 12.43
C GLY B 258 40.07 -2.02 11.82
N ILE B 259 38.89 -2.43 11.40
CA ILE B 259 38.71 -3.73 10.78
C ILE B 259 38.80 -3.58 9.26
N PRO B 260 39.70 -4.33 8.61
CA PRO B 260 39.90 -4.28 7.16
C PRO B 260 38.73 -4.86 6.38
N PRO B 261 38.42 -4.28 5.20
CA PRO B 261 37.32 -4.71 4.33
C PRO B 261 37.26 -6.22 4.06
N GLN B 262 38.43 -6.84 3.94
CA GLN B 262 38.52 -8.27 3.67
C GLN B 262 37.94 -9.09 4.81
N SER B 263 37.85 -8.47 5.99
CA SER B 263 37.32 -9.18 7.16
C SER B 263 35.86 -8.79 7.41
N GLN B 264 35.34 -7.90 6.58
CA GLN B 264 33.96 -7.46 6.72
C GLN B 264 33.08 -8.24 5.76
N MET B 265 31.97 -8.76 6.25
CA MET B 265 31.05 -9.48 5.37
C MET B 265 29.94 -8.52 4.96
N ALA B 266 29.48 -8.63 3.71
CA ALA B 266 28.40 -7.80 3.19
C ALA B 266 27.11 -8.64 3.16
N VAL B 267 26.10 -8.25 3.93
CA VAL B 267 24.88 -9.07 3.94
C VAL B 267 23.50 -8.51 3.58
N GLY B 268 23.28 -7.22 3.77
CA GLY B 268 21.95 -6.72 3.44
C GLY B 268 21.51 -5.81 4.56
N GLN B 269 21.73 -6.26 5.78
CA GLN B 269 21.42 -5.46 6.96
C GLN B 269 22.78 -5.00 7.53
N GLU B 270 23.06 -3.71 7.38
CA GLU B 270 24.32 -3.08 7.82
C GLU B 270 24.87 -3.47 9.18
N VAL B 271 23.98 -3.73 10.14
CA VAL B 271 24.36 -4.02 11.51
C VAL B 271 24.65 -5.48 11.84
N PHE B 272 24.46 -6.38 10.89
CA PHE B 272 24.66 -7.80 11.17
C PHE B 272 26.08 -8.29 11.44
N GLY B 273 27.08 -7.49 11.09
CA GLY B 273 28.44 -7.94 11.32
C GLY B 273 28.80 -7.82 12.78
N LEU B 274 27.84 -7.45 13.60
CA LEU B 274 28.08 -7.25 15.02
C LEU B 274 27.74 -8.43 15.92
N LEU B 275 27.46 -9.58 15.33
CA LEU B 275 27.13 -10.78 16.10
C LEU B 275 27.20 -12.05 15.28
N PRO B 276 27.96 -13.05 15.75
CA PRO B 276 28.05 -14.29 15.00
C PRO B 276 26.63 -14.83 14.76
N GLY B 277 25.80 -14.73 15.78
CA GLY B 277 24.43 -15.21 15.66
C GLY B 277 23.70 -14.63 14.48
N LEU B 278 23.89 -13.33 14.24
CA LEU B 278 23.24 -12.66 13.13
C LEU B 278 23.84 -13.10 11.79
N MET B 279 25.16 -13.07 11.69
CA MET B 279 25.82 -13.43 10.45
C MET B 279 25.57 -14.90 10.13
N LEU B 280 25.32 -15.71 11.17
CA LEU B 280 25.04 -17.12 11.01
C LEU B 280 23.77 -17.23 10.13
N TYR B 281 22.69 -16.61 10.59
CA TYR B 281 21.45 -16.63 9.84
C TYR B 281 21.60 -15.97 8.48
N ALA B 282 22.45 -14.93 8.40
CA ALA B 282 22.65 -14.26 7.14
C ALA B 282 23.25 -15.27 6.17
N THR B 283 24.15 -16.11 6.66
CA THR B 283 24.80 -17.14 5.85
C THR B 283 23.80 -18.22 5.48
N ILE B 284 23.04 -18.68 6.45
CA ILE B 284 22.05 -19.72 6.20
C ILE B 284 21.09 -19.29 5.09
N TRP B 285 20.46 -18.12 5.28
CA TRP B 285 19.52 -17.61 4.28
C TRP B 285 20.15 -17.35 2.92
N LEU B 286 21.41 -16.91 2.90
CA LEU B 286 22.07 -16.65 1.62
C LEU B 286 22.24 -17.98 0.90
N ARG B 287 22.72 -19.00 1.63
CA ARG B 287 22.91 -20.30 1.05
C ARG B 287 21.59 -20.82 0.47
N GLU B 288 20.51 -20.62 1.22
CA GLU B 288 19.18 -21.06 0.80
C GLU B 288 18.69 -20.33 -0.46
N HIS B 289 18.99 -19.04 -0.58
CA HIS B 289 18.57 -18.30 -1.75
C HIS B 289 19.22 -18.89 -3.01
N ASN B 290 20.54 -19.05 -2.96
CA ASN B 290 21.26 -19.61 -4.10
C ASN B 290 20.80 -21.03 -4.40
N ARG B 291 20.45 -21.77 -3.36
CA ARG B 291 19.97 -23.13 -3.53
C ARG B 291 18.67 -23.13 -4.32
N VAL B 292 17.74 -22.24 -3.95
CA VAL B 292 16.47 -22.15 -4.65
C VAL B 292 16.68 -21.74 -6.10
N CYS B 293 17.64 -20.85 -6.36
CA CYS B 293 17.92 -20.41 -7.72
C CYS B 293 18.27 -21.63 -8.58
N ASP B 294 19.04 -22.55 -7.99
CA ASP B 294 19.45 -23.76 -8.71
C ASP B 294 18.21 -24.56 -9.12
N LEU B 295 17.36 -24.85 -8.15
CA LEU B 295 16.14 -25.60 -8.39
C LEU B 295 15.29 -24.92 -9.46
N LEU B 296 15.22 -23.60 -9.39
CA LEU B 296 14.43 -22.84 -10.35
C LEU B 296 14.99 -22.96 -11.76
N LYS B 297 16.31 -22.81 -11.89
CA LYS B 297 16.94 -22.90 -13.21
C LYS B 297 16.68 -24.27 -13.83
N ALA B 298 16.65 -25.31 -13.01
CA ALA B 298 16.42 -26.66 -13.50
C ALA B 298 15.02 -26.74 -14.10
N GLU B 299 14.11 -25.98 -13.51
CA GLU B 299 12.72 -25.93 -13.96
C GLU B 299 12.55 -24.98 -15.14
N HIS B 300 13.28 -23.86 -15.13
CA HIS B 300 13.14 -22.88 -16.19
C HIS B 300 14.44 -22.46 -16.84
N PRO B 301 14.98 -23.29 -17.73
CA PRO B 301 16.24 -22.99 -18.41
C PRO B 301 16.19 -21.70 -19.25
N THR B 302 15.00 -21.27 -19.63
CA THR B 302 14.89 -20.05 -20.44
C THR B 302 14.93 -18.77 -19.62
N TRP B 303 14.74 -18.87 -18.30
CA TRP B 303 14.73 -17.69 -17.44
C TRP B 303 16.06 -16.96 -17.33
N GLY B 304 15.97 -15.65 -17.18
CA GLY B 304 17.15 -14.83 -17.04
C GLY B 304 17.48 -14.65 -15.57
N ASP B 305 18.52 -13.87 -15.30
CA ASP B 305 18.96 -13.61 -13.94
C ASP B 305 17.88 -12.93 -13.10
N GLU B 306 17.29 -11.86 -13.61
CA GLU B 306 16.24 -11.13 -12.86
C GLU B 306 15.11 -12.02 -12.35
N GLN B 307 14.44 -12.72 -13.25
CA GLN B 307 13.33 -13.57 -12.86
C GLN B 307 13.77 -14.64 -11.85
N LEU B 308 14.94 -15.24 -12.06
CA LEU B 308 15.43 -16.25 -11.12
C LEU B 308 15.60 -15.60 -9.74
N PHE B 309 16.22 -14.42 -9.72
CA PHE B 309 16.44 -13.70 -8.47
C PHE B 309 15.13 -13.33 -7.78
N GLN B 310 14.23 -12.67 -8.52
CA GLN B 310 12.94 -12.23 -7.99
C GLN B 310 12.11 -13.39 -7.46
N THR B 311 12.00 -14.44 -8.26
CA THR B 311 11.22 -15.60 -7.87
C THR B 311 11.81 -16.28 -6.64
N ALA B 312 13.14 -16.32 -6.55
CA ALA B 312 13.76 -16.94 -5.39
C ALA B 312 13.43 -16.11 -4.15
N ARG B 313 13.46 -14.79 -4.29
CA ARG B 313 13.14 -13.92 -3.18
C ARG B 313 11.72 -14.17 -2.67
N LEU B 314 10.78 -14.34 -3.59
CA LEU B 314 9.40 -14.60 -3.19
C LEU B 314 9.31 -15.90 -2.40
N ILE B 315 10.00 -16.95 -2.88
CA ILE B 315 10.00 -18.23 -2.21
C ILE B 315 10.54 -18.09 -0.78
N LEU B 316 11.62 -17.33 -0.64
CA LEU B 316 12.20 -17.14 0.68
C LEU B 316 11.27 -16.34 1.61
N ILE B 317 10.51 -15.40 1.06
CA ILE B 317 9.59 -14.64 1.89
C ILE B 317 8.55 -15.63 2.42
N GLY B 318 8.07 -16.49 1.54
CA GLY B 318 7.09 -17.49 1.94
C GLY B 318 7.66 -18.43 2.99
N GLU B 319 8.89 -18.90 2.75
CA GLU B 319 9.53 -19.79 3.70
C GLU B 319 9.65 -19.14 5.07
N THR B 320 10.00 -17.86 5.08
CA THR B 320 10.15 -17.12 6.32
C THR B 320 8.83 -17.04 7.08
N ILE B 321 7.74 -16.71 6.37
CA ILE B 321 6.43 -16.62 7.01
C ILE B 321 5.98 -17.99 7.54
N LYS B 322 6.15 -19.02 6.72
CA LYS B 322 5.81 -20.39 7.10
C LYS B 322 6.51 -20.75 8.40
N ILE B 323 7.83 -20.59 8.43
CA ILE B 323 8.60 -20.94 9.60
C ILE B 323 8.27 -20.07 10.82
N VAL B 324 8.10 -18.77 10.63
CA VAL B 324 7.78 -17.89 11.73
C VAL B 324 6.45 -18.26 12.41
N ILE B 325 5.44 -18.59 11.62
CA ILE B 325 4.14 -18.94 12.19
C ILE B 325 4.08 -20.34 12.80
N GLU B 326 4.56 -21.33 12.06
CA GLU B 326 4.49 -22.70 12.51
C GLU B 326 5.53 -23.22 13.49
N GLU B 327 6.65 -22.53 13.61
CA GLU B 327 7.68 -22.97 14.54
C GLU B 327 8.10 -21.87 15.51
N TYR B 328 8.32 -20.67 14.99
CA TYR B 328 8.72 -19.53 15.83
C TYR B 328 7.62 -19.13 16.83
N VAL B 329 6.45 -18.73 16.31
CA VAL B 329 5.35 -18.35 17.19
C VAL B 329 4.85 -19.55 17.99
N GLN B 330 4.93 -20.73 17.39
CA GLN B 330 4.47 -21.95 18.08
C GLN B 330 5.29 -22.09 19.37
N GLN B 331 6.61 -22.01 19.25
CA GLN B 331 7.49 -22.13 20.40
C GLN B 331 7.21 -21.03 21.41
N LEU B 332 7.16 -19.81 20.90
CA LEU B 332 6.94 -18.63 21.70
C LEU B 332 5.61 -18.69 22.47
N SER B 333 4.54 -19.07 21.78
CA SER B 333 3.22 -19.15 22.40
C SER B 333 3.02 -20.29 23.41
N GLY B 334 3.62 -21.43 23.13
CA GLY B 334 3.46 -22.57 24.02
C GLY B 334 2.13 -23.28 23.84
N TYR B 335 1.35 -22.85 22.85
CA TYR B 335 0.03 -23.41 22.59
C TYR B 335 0.03 -24.86 22.11
N PHE B 336 -0.96 -25.63 22.52
CA PHE B 336 -1.09 -27.02 22.07
C PHE B 336 -1.83 -27.02 20.74
N LEU B 337 -2.43 -25.88 20.41
CA LEU B 337 -3.13 -25.73 19.15
C LEU B 337 -2.04 -25.64 18.09
N GLN B 338 -2.13 -26.45 17.04
CA GLN B 338 -1.11 -26.43 16.00
C GLN B 338 -1.31 -25.25 15.06
N LEU B 339 -0.58 -24.15 15.30
CA LEU B 339 -0.68 -22.97 14.47
C LEU B 339 -0.50 -23.36 13.02
N LYS B 340 -1.08 -22.60 12.10
CA LYS B 340 -0.97 -22.97 10.71
C LYS B 340 -0.84 -21.80 9.76
N PHE B 341 0.12 -21.89 8.84
CA PHE B 341 0.30 -20.83 7.85
C PHE B 341 -0.39 -21.22 6.57
N ASP B 342 -1.54 -20.63 6.33
CA ASP B 342 -2.31 -20.90 5.13
C ASP B 342 -3.09 -19.67 4.72
N PRO B 343 -2.60 -18.93 3.73
CA PRO B 343 -3.23 -17.72 3.23
C PRO B 343 -4.69 -17.93 2.87
N GLU B 344 -5.04 -19.12 2.43
CA GLU B 344 -6.41 -19.38 2.04
C GLU B 344 -7.40 -19.24 3.19
N LEU B 345 -6.91 -19.39 4.42
CA LEU B 345 -7.76 -19.27 5.59
C LEU B 345 -8.43 -17.89 5.66
N LEU B 346 -7.91 -16.91 4.93
CA LEU B 346 -8.48 -15.57 4.96
C LEU B 346 -9.18 -15.19 3.67
N PHE B 347 -9.16 -16.08 2.69
CA PHE B 347 -9.78 -15.76 1.41
C PHE B 347 -11.27 -15.44 1.47
N GLY B 348 -11.94 -15.89 2.53
CA GLY B 348 -13.35 -15.60 2.64
C GLY B 348 -13.61 -14.44 3.57
N ALA B 349 -12.55 -13.87 4.11
CA ALA B 349 -12.65 -12.77 5.05
C ALA B 349 -12.30 -11.41 4.47
N GLN B 350 -12.67 -10.37 5.20
CA GLN B 350 -12.36 -9.00 4.81
C GLN B 350 -11.02 -8.74 5.48
N PHE B 351 -9.99 -8.52 4.66
CA PHE B 351 -8.64 -8.33 5.17
C PHE B 351 -7.81 -7.50 4.21
N GLN B 352 -7.13 -6.47 4.73
CA GLN B 352 -6.27 -5.64 3.88
C GLN B 352 -4.88 -6.24 3.84
N TYR B 353 -4.40 -6.57 2.64
CA TYR B 353 -3.06 -7.13 2.53
C TYR B 353 -1.98 -6.04 2.45
N ARG B 354 -1.85 -5.28 3.53
CA ARG B 354 -0.82 -4.24 3.63
C ARG B 354 -0.45 -4.14 5.11
N ASN B 355 0.75 -3.67 5.41
CA ASN B 355 1.16 -3.55 6.80
C ASN B 355 2.09 -2.36 6.99
N ARG B 356 2.01 -1.75 8.16
CA ARG B 356 2.84 -0.59 8.48
C ARG B 356 3.36 -0.80 9.90
N ILE B 357 4.69 -0.80 10.05
CA ILE B 357 5.28 -1.01 11.37
C ILE B 357 4.98 0.11 12.34
N ALA B 358 4.49 -0.28 13.52
CA ALA B 358 4.15 0.67 14.56
C ALA B 358 5.29 0.84 15.56
N MET B 359 5.48 2.07 16.05
CA MET B 359 6.53 2.36 17.00
C MET B 359 6.34 1.52 18.26
N GLU B 360 5.09 1.27 18.63
CA GLU B 360 4.84 0.48 19.83
C GLU B 360 5.32 -0.96 19.64
N PHE B 361 5.20 -1.45 18.41
CA PHE B 361 5.61 -2.79 18.06
C PHE B 361 7.12 -2.89 18.19
N ASN B 362 7.81 -1.81 17.85
CA ASN B 362 9.26 -1.73 17.94
C ASN B 362 9.68 -1.84 19.42
N GLN B 363 9.04 -1.03 20.25
CA GLN B 363 9.30 -1.03 21.69
C GLN B 363 9.12 -2.44 22.27
N LEU B 364 7.93 -2.99 22.09
CA LEU B 364 7.58 -4.31 22.58
C LEU B 364 8.52 -5.44 22.14
N TYR B 365 9.11 -5.29 20.97
CA TYR B 365 10.01 -6.33 20.46
C TYR B 365 11.45 -6.25 20.99
N HIS B 366 11.71 -5.37 21.94
CA HIS B 366 13.05 -5.29 22.52
C HIS B 366 13.21 -6.41 23.52
N TRP B 367 13.48 -7.61 23.01
CA TRP B 367 13.62 -8.81 23.83
C TRP B 367 15.03 -9.12 24.33
N HIS B 368 15.75 -8.08 24.75
CA HIS B 368 17.11 -8.27 25.22
C HIS B 368 17.30 -9.24 26.39
N PRO B 369 16.26 -9.48 27.19
CA PRO B 369 16.43 -10.41 28.29
C PRO B 369 16.80 -11.82 27.80
N LEU B 370 16.50 -12.08 26.52
CA LEU B 370 16.79 -13.38 25.95
C LEU B 370 18.28 -13.73 25.95
N MET B 371 19.14 -12.72 25.78
CA MET B 371 20.58 -12.95 25.75
C MET B 371 21.11 -13.46 27.09
N PRO B 372 22.06 -14.40 27.05
CA PRO B 372 22.68 -15.02 28.22
C PRO B 372 23.81 -14.24 28.89
N ASP B 373 24.44 -14.87 29.88
CA ASP B 373 25.55 -14.28 30.62
C ASP B 373 26.82 -14.43 29.79
N SER B 374 26.86 -15.50 29.00
CA SER B 374 28.00 -15.78 28.12
C SER B 374 27.52 -16.75 27.05
N PHE B 375 28.34 -16.96 26.02
CA PHE B 375 27.97 -17.85 24.93
C PHE B 375 28.77 -19.14 24.84
N ARG B 376 28.12 -20.24 25.19
CA ARG B 376 28.76 -21.54 25.17
C ARG B 376 28.74 -22.24 23.82
N VAL B 377 29.91 -22.50 23.28
CA VAL B 377 30.05 -23.20 22.03
C VAL B 377 30.94 -24.40 22.33
N GLY B 378 30.31 -25.55 22.54
CA GLY B 378 31.06 -26.75 22.86
C GLY B 378 31.72 -26.60 24.23
N PRO B 379 32.98 -26.99 24.37
CA PRO B 379 33.67 -26.87 25.66
C PRO B 379 34.00 -25.42 25.99
N GLN B 380 34.15 -24.60 24.95
CA GLN B 380 34.48 -23.19 25.14
C GLN B 380 33.29 -22.32 25.56
N ASP B 381 33.56 -21.38 26.44
CA ASP B 381 32.55 -20.46 26.92
C ASP B 381 33.01 -19.06 26.52
N TYR B 382 32.24 -18.39 25.68
CA TYR B 382 32.62 -17.06 25.22
C TYR B 382 31.94 -15.92 25.92
N SER B 383 32.73 -14.94 26.31
CA SER B 383 32.19 -13.77 27.00
C SER B 383 31.63 -12.82 25.95
N TYR B 384 30.94 -11.79 26.43
CA TYR B 384 30.37 -10.78 25.54
C TYR B 384 31.48 -10.08 24.76
N GLU B 385 32.63 -9.88 25.40
CA GLU B 385 33.74 -9.20 24.75
C GLU B 385 34.41 -10.06 23.67
N GLN B 386 34.21 -11.38 23.77
CA GLN B 386 34.80 -12.31 22.81
C GLN B 386 33.80 -12.63 21.69
N PHE B 387 32.55 -12.29 21.93
CA PHE B 387 31.48 -12.59 20.99
C PHE B 387 31.02 -11.41 20.13
N LEU B 388 30.65 -10.32 20.78
CA LEU B 388 30.13 -9.17 20.08
C LEU B 388 30.63 -8.78 18.70
N PHE B 389 31.89 -8.43 18.53
CA PHE B 389 32.28 -8.06 17.17
C PHE B 389 33.24 -9.03 16.53
N ASN B 390 33.09 -10.29 16.89
CA ASN B 390 33.95 -11.34 16.39
C ASN B 390 33.75 -11.58 14.91
N THR B 391 34.81 -11.34 14.14
CA THR B 391 34.75 -11.52 12.71
C THR B 391 35.24 -12.89 12.27
N SER B 392 35.65 -13.74 13.21
CA SER B 392 36.16 -15.05 12.83
C SER B 392 35.41 -16.26 13.37
N MET B 393 34.69 -16.09 14.48
CA MET B 393 33.98 -17.21 15.08
C MET B 393 33.10 -18.00 14.10
N LEU B 394 32.29 -17.30 13.31
CA LEU B 394 31.41 -17.95 12.36
C LEU B 394 32.16 -18.87 11.41
N VAL B 395 33.26 -18.37 10.84
CA VAL B 395 34.05 -19.18 9.91
C VAL B 395 34.88 -20.23 10.65
N ASP B 396 35.35 -19.91 11.85
CA ASP B 396 36.14 -20.87 12.61
C ASP B 396 35.30 -22.13 12.86
N TYR B 397 34.10 -21.95 13.41
CA TYR B 397 33.24 -23.08 13.72
C TYR B 397 32.36 -23.58 12.57
N GLY B 398 31.92 -22.67 11.70
CA GLY B 398 31.04 -23.05 10.62
C GLY B 398 29.59 -23.06 11.06
N VAL B 399 28.67 -23.14 10.09
CA VAL B 399 27.25 -23.13 10.39
C VAL B 399 26.74 -24.23 11.32
N GLU B 400 26.95 -25.50 10.95
CA GLU B 400 26.48 -26.64 11.77
C GLU B 400 26.86 -26.51 13.25
N ALA B 401 28.12 -26.21 13.53
CA ALA B 401 28.58 -26.09 14.91
C ALA B 401 27.84 -25.02 15.69
N LEU B 402 27.71 -23.83 15.11
CA LEU B 402 27.02 -22.75 15.80
C LEU B 402 25.54 -23.06 15.98
N VAL B 403 24.90 -23.60 14.94
CA VAL B 403 23.48 -23.92 15.06
C VAL B 403 23.28 -24.88 16.23
N ASP B 404 24.15 -25.88 16.33
CA ASP B 404 24.06 -26.87 17.41
C ASP B 404 24.23 -26.21 18.77
N ALA B 405 25.23 -25.32 18.88
CA ALA B 405 25.49 -24.64 20.13
C ALA B 405 24.30 -23.76 20.53
N PHE B 406 23.88 -22.91 19.61
CA PHE B 406 22.78 -22.01 19.89
C PHE B 406 21.46 -22.74 20.14
N SER B 407 21.31 -23.92 19.56
CA SER B 407 20.08 -24.68 19.75
C SER B 407 20.10 -25.35 21.11
N ARG B 408 21.29 -25.51 21.68
CA ARG B 408 21.42 -26.17 22.98
C ARG B 408 21.42 -25.23 24.17
N GLN B 409 21.81 -23.98 23.96
CA GLN B 409 21.86 -23.05 25.09
C GLN B 409 20.55 -22.34 25.35
N PRO B 410 20.05 -22.44 26.58
CA PRO B 410 18.79 -21.77 26.92
C PRO B 410 18.90 -20.25 26.87
N ALA B 411 17.79 -19.61 26.49
CA ALA B 411 17.71 -18.15 26.43
C ALA B 411 17.01 -17.70 27.69
N GLY B 412 17.25 -16.45 28.08
CA GLY B 412 16.62 -15.95 29.30
C GLY B 412 15.14 -15.68 29.17
N ARG B 413 14.44 -15.66 30.29
CA ARG B 413 13.01 -15.37 30.29
C ARG B 413 12.85 -13.88 29.95
N ILE B 414 11.86 -13.57 29.12
CA ILE B 414 11.63 -12.20 28.69
C ILE B 414 10.93 -11.34 29.75
N GLY B 415 9.80 -11.83 30.24
CA GLY B 415 9.06 -11.09 31.24
C GLY B 415 9.51 -11.43 32.65
N GLY B 416 8.97 -10.73 33.64
CA GLY B 416 9.33 -11.00 35.02
C GLY B 416 10.18 -9.94 35.69
N GLY B 417 11.04 -9.29 34.91
CA GLY B 417 11.90 -8.25 35.46
C GLY B 417 13.26 -8.78 35.89
N ARG B 418 14.19 -7.86 36.12
CA ARG B 418 15.55 -8.18 36.56
C ARG B 418 16.17 -9.32 35.77
N ASN B 419 16.20 -9.23 34.44
CA ASN B 419 16.79 -10.31 33.68
C ASN B 419 17.50 -9.89 32.41
N ILE B 420 17.96 -8.65 32.38
CA ILE B 420 18.70 -8.16 31.22
C ILE B 420 20.17 -8.03 31.62
N ASP B 421 21.03 -8.69 30.86
CA ASP B 421 22.47 -8.67 31.12
C ASP B 421 22.99 -7.23 31.12
N HIS B 422 23.87 -6.92 32.06
CA HIS B 422 24.41 -5.56 32.17
C HIS B 422 25.08 -5.06 30.89
N HIS B 423 25.66 -5.98 30.13
CA HIS B 423 26.32 -5.61 28.88
C HIS B 423 25.39 -4.87 27.92
N ILE B 424 24.10 -5.20 27.95
CA ILE B 424 23.17 -4.55 27.03
C ILE B 424 22.02 -3.79 27.70
N LEU B 425 22.12 -3.56 29.01
CA LEU B 425 21.10 -2.84 29.74
C LEU B 425 20.88 -1.43 29.18
N HIS B 426 21.91 -0.85 28.58
CA HIS B 426 21.81 0.51 28.04
C HIS B 426 20.74 0.63 26.96
N VAL B 427 20.43 -0.48 26.29
CA VAL B 427 19.40 -0.44 25.27
C VAL B 427 18.05 -0.17 25.90
N ALA B 428 17.78 -0.85 27.01
CA ALA B 428 16.51 -0.66 27.70
C ALA B 428 16.39 0.79 28.15
N VAL B 429 17.49 1.32 28.68
CA VAL B 429 17.50 2.69 29.14
C VAL B 429 17.11 3.62 28.00
N ASP B 430 17.62 3.34 26.80
CA ASP B 430 17.31 4.17 25.65
C ASP B 430 15.89 3.96 25.14
N VAL B 431 15.38 2.75 25.26
CA VAL B 431 14.02 2.47 24.83
C VAL B 431 13.05 3.30 25.66
N ILE B 432 13.34 3.41 26.96
CA ILE B 432 12.51 4.18 27.87
C ILE B 432 12.61 5.66 27.51
N LYS B 433 13.82 6.12 27.21
CA LYS B 433 14.00 7.52 26.84
C LYS B 433 13.29 7.86 25.53
N GLU B 434 13.37 6.96 24.56
CA GLU B 434 12.73 7.18 23.27
C GLU B 434 11.21 7.20 23.43
N SER B 435 10.73 6.35 24.32
CA SER B 435 9.30 6.26 24.61
C SER B 435 8.78 7.64 25.00
N ARG B 436 9.54 8.33 25.86
CA ARG B 436 9.15 9.65 26.32
C ARG B 436 9.24 10.69 25.20
N VAL B 437 10.23 10.53 24.32
CA VAL B 437 10.36 11.45 23.21
C VAL B 437 9.16 11.20 22.29
N LEU B 438 8.85 9.94 22.07
CA LEU B 438 7.72 9.58 21.25
C LEU B 438 6.39 9.92 21.96
N ARG B 439 6.49 10.28 23.25
CA ARG B 439 5.30 10.60 24.05
C ARG B 439 4.24 9.51 23.96
N LEU B 440 4.69 8.28 24.20
CA LEU B 440 3.80 7.13 24.18
C LEU B 440 2.85 7.20 25.35
N GLN B 441 1.60 6.83 25.12
CA GLN B 441 0.60 6.87 26.18
C GLN B 441 0.91 5.84 27.25
N PRO B 442 0.27 5.96 28.42
CA PRO B 442 0.52 5.02 29.52
C PRO B 442 0.13 3.57 29.26
N PHE B 443 0.85 2.66 29.91
CA PHE B 443 0.63 1.21 29.77
C PHE B 443 -0.86 0.84 29.84
N ASN B 444 -1.56 1.31 30.87
CA ASN B 444 -2.97 1.00 31.00
C ASN B 444 -3.81 1.43 29.80
N GLU B 445 -3.44 2.52 29.15
CA GLU B 445 -4.20 2.95 27.99
C GLU B 445 -4.03 1.91 26.89
N TYR B 446 -2.82 1.36 26.76
CA TYR B 446 -2.56 0.35 25.74
C TYR B 446 -3.25 -0.95 26.14
N ARG B 447 -3.39 -1.18 27.43
CA ARG B 447 -4.07 -2.38 27.89
C ARG B 447 -5.48 -2.35 27.29
N LYS B 448 -6.17 -1.23 27.49
CA LYS B 448 -7.52 -1.06 26.99
C LYS B 448 -7.58 -1.15 25.47
N ARG B 449 -6.69 -0.45 24.80
CA ARG B 449 -6.65 -0.46 23.33
C ARG B 449 -6.55 -1.88 22.77
N PHE B 450 -5.97 -2.79 23.55
CA PHE B 450 -5.84 -4.15 23.10
C PHE B 450 -6.79 -5.14 23.77
N GLY B 451 -7.90 -4.62 24.30
CA GLY B 451 -8.92 -5.46 24.91
C GLY B 451 -8.81 -5.91 26.35
N MET B 452 -7.86 -5.37 27.09
CA MET B 452 -7.66 -5.77 28.47
C MET B 452 -8.12 -4.70 29.45
N LYS B 453 -8.44 -5.12 30.67
CA LYS B 453 -8.83 -4.18 31.72
C LYS B 453 -7.55 -3.57 32.25
N PRO B 454 -7.57 -2.26 32.57
CA PRO B 454 -6.35 -1.64 33.09
C PRO B 454 -6.01 -2.15 34.48
N TYR B 455 -4.71 -2.17 34.81
CA TYR B 455 -4.31 -2.62 36.13
C TYR B 455 -4.72 -1.57 37.14
N THR B 456 -5.27 -2.01 38.26
CA THR B 456 -5.73 -1.08 39.28
C THR B 456 -4.64 -0.76 40.30
N SER B 457 -3.52 -1.47 40.22
CA SER B 457 -2.41 -1.24 41.14
C SER B 457 -1.16 -1.96 40.65
N PHE B 458 -0.01 -1.57 41.19
CA PHE B 458 1.24 -2.20 40.81
C PHE B 458 1.34 -3.64 41.32
N GLN B 459 0.76 -3.89 42.48
CA GLN B 459 0.79 -5.23 43.05
C GLN B 459 -0.06 -6.17 42.21
N GLU B 460 -0.98 -5.63 41.42
CA GLU B 460 -1.81 -6.46 40.55
C GLU B 460 -0.97 -6.73 39.30
N LEU B 461 -0.23 -5.72 38.87
CA LEU B 461 0.66 -5.80 37.71
C LEU B 461 1.70 -6.87 37.99
N THR B 462 2.60 -6.59 38.92
CA THR B 462 3.62 -7.55 39.30
C THR B 462 2.80 -8.53 40.14
N GLY B 463 3.30 -9.72 40.38
CA GLY B 463 2.49 -10.61 41.20
C GLY B 463 2.98 -10.57 42.63
N GLU B 464 3.71 -9.51 42.96
CA GLU B 464 4.28 -9.40 44.29
C GLU B 464 4.13 -8.08 45.02
N LYS B 465 4.91 -7.90 46.09
CA LYS B 465 4.81 -6.70 46.90
C LYS B 465 6.00 -5.75 46.91
N GLU B 466 7.20 -6.30 47.01
CA GLU B 466 8.40 -5.47 47.05
C GLU B 466 8.57 -4.48 45.90
N MET B 467 8.74 -4.98 44.67
CA MET B 467 8.92 -4.09 43.52
C MET B 467 7.71 -3.21 43.34
N ALA B 468 6.54 -3.79 43.54
CA ALA B 468 5.29 -3.07 43.38
C ALA B 468 5.33 -1.79 44.22
N ALA B 469 5.65 -1.95 45.50
CA ALA B 469 5.70 -0.83 46.42
C ALA B 469 6.68 0.23 45.95
N GLU B 470 7.81 -0.20 45.39
CA GLU B 470 8.79 0.76 44.93
C GLU B 470 8.35 1.43 43.62
N LEU B 471 7.69 0.68 42.75
CA LEU B 471 7.21 1.25 41.50
C LEU B 471 6.14 2.28 41.83
N GLU B 472 5.28 1.95 42.79
CA GLU B 472 4.21 2.85 43.19
C GLU B 472 4.79 4.15 43.73
N GLU B 473 5.87 4.04 44.51
CA GLU B 473 6.50 5.20 45.08
C GLU B 473 7.14 6.06 43.99
N LEU B 474 7.76 5.41 43.02
CA LEU B 474 8.40 6.10 41.91
C LEU B 474 7.40 6.73 40.93
N TYR B 475 6.46 5.93 40.44
CA TYR B 475 5.47 6.44 39.48
C TYR B 475 4.35 7.23 40.12
N GLY B 476 4.01 6.87 41.35
CA GLY B 476 2.95 7.57 42.05
C GLY B 476 1.57 7.04 41.73
N ASP B 477 1.35 6.58 40.50
CA ASP B 477 0.05 6.05 40.09
C ASP B 477 0.17 5.00 38.99
N ILE B 478 -0.52 3.88 39.16
CA ILE B 478 -0.48 2.80 38.18
C ILE B 478 -0.78 3.33 36.78
N ASP B 479 -1.57 4.41 36.70
CA ASP B 479 -1.93 4.98 35.41
C ASP B 479 -0.83 5.81 34.78
N ALA B 480 0.34 5.82 35.41
CA ALA B 480 1.48 6.57 34.89
C ALA B 480 2.53 5.59 34.39
N LEU B 481 2.39 4.32 34.74
CA LEU B 481 3.32 3.28 34.31
C LEU B 481 3.47 3.33 32.78
N GLU B 482 4.70 3.45 32.32
CA GLU B 482 4.99 3.51 30.89
C GLU B 482 4.91 2.17 30.15
N PHE B 483 4.70 2.24 28.83
CA PHE B 483 4.56 1.08 27.96
C PHE B 483 5.55 -0.08 28.13
N TYR B 484 6.81 0.16 27.76
CA TYR B 484 7.83 -0.86 27.86
C TYR B 484 8.03 -1.41 29.27
N PRO B 485 8.21 -0.52 30.26
CA PRO B 485 8.40 -1.03 31.62
C PRO B 485 7.25 -1.94 32.01
N GLY B 486 6.05 -1.58 31.58
CA GLY B 486 4.88 -2.39 31.90
C GLY B 486 4.97 -3.76 31.28
N LEU B 487 5.36 -3.84 30.03
CA LEU B 487 5.47 -5.13 29.36
C LEU B 487 6.46 -6.05 30.06
N LEU B 488 7.62 -5.52 30.42
CA LEU B 488 8.66 -6.32 31.07
C LEU B 488 8.44 -6.64 32.54
N LEU B 489 7.72 -5.78 33.26
CA LEU B 489 7.52 -6.03 34.68
C LEU B 489 6.21 -6.76 34.99
N GLU B 490 5.31 -6.85 34.02
CA GLU B 490 4.06 -7.56 34.25
C GLU B 490 4.34 -9.02 34.63
N LYS B 491 3.59 -9.55 35.58
CA LYS B 491 3.78 -10.94 36.00
C LYS B 491 3.59 -11.86 34.80
N CYS B 492 4.44 -12.87 34.69
CA CYS B 492 4.35 -13.82 33.60
C CYS B 492 3.24 -14.83 33.81
N HIS B 493 2.79 -15.44 32.72
CA HIS B 493 1.78 -16.48 32.79
C HIS B 493 2.52 -17.60 33.52
N PRO B 494 1.80 -18.51 34.19
CA PRO B 494 2.39 -19.62 34.93
C PRO B 494 3.87 -19.96 34.67
N ASN B 495 4.14 -20.77 33.66
CA ASN B 495 5.52 -21.14 33.34
C ASN B 495 5.83 -20.59 31.96
N SER B 496 5.38 -19.37 31.69
CA SER B 496 5.57 -18.78 30.39
C SER B 496 6.77 -17.85 30.30
N ILE B 497 7.13 -17.53 29.06
CA ILE B 497 8.27 -16.68 28.78
C ILE B 497 7.96 -15.20 29.08
N PHE B 498 6.68 -14.85 29.09
CA PHE B 498 6.27 -13.49 29.42
C PHE B 498 4.81 -13.36 29.82
N GLY B 499 4.40 -12.13 30.15
CA GLY B 499 3.04 -11.88 30.59
C GLY B 499 2.01 -11.80 29.48
N GLU B 500 0.74 -11.72 29.87
CA GLU B 500 -0.34 -11.66 28.89
C GLU B 500 -0.22 -10.47 27.94
N SER B 501 0.11 -9.29 28.46
CA SER B 501 0.21 -8.09 27.63
C SER B 501 1.09 -8.31 26.40
N MET B 502 2.24 -8.92 26.61
CA MET B 502 3.17 -9.19 25.52
C MET B 502 2.43 -9.93 24.41
N ILE B 503 1.62 -10.92 24.79
CA ILE B 503 0.86 -11.69 23.82
C ILE B 503 -0.35 -10.94 23.26
N GLU B 504 -1.15 -10.35 24.13
CA GLU B 504 -2.34 -9.63 23.68
C GLU B 504 -2.04 -8.39 22.86
N MET B 505 -0.86 -7.81 23.05
CA MET B 505 -0.49 -6.63 22.28
C MET B 505 0.39 -6.98 21.10
N GLY B 506 1.32 -7.93 21.32
CA GLY B 506 2.23 -8.35 20.27
C GLY B 506 1.65 -9.24 19.19
N ALA B 507 0.78 -10.17 19.57
CA ALA B 507 0.17 -11.07 18.60
C ALA B 507 -0.50 -10.31 17.46
N PRO B 508 -1.34 -9.31 17.79
CA PRO B 508 -2.01 -8.54 16.74
C PRO B 508 -1.02 -7.92 15.75
N PHE B 509 0.03 -7.29 16.28
CA PHE B 509 1.07 -6.67 15.46
C PHE B 509 1.75 -7.73 14.59
N SER B 510 2.11 -8.84 15.21
CA SER B 510 2.79 -9.92 14.50
C SER B 510 1.98 -10.57 13.40
N LEU B 511 0.85 -11.16 13.75
CA LEU B 511 0.02 -11.83 12.75
C LEU B 511 -0.34 -10.94 11.56
N LYS B 512 -0.67 -9.68 11.85
CA LYS B 512 -1.01 -8.73 10.81
C LYS B 512 0.18 -8.54 9.89
N GLY B 513 1.36 -8.45 10.48
CA GLY B 513 2.58 -8.29 9.70
C GLY B 513 2.85 -9.50 8.83
N LEU B 514 2.52 -10.69 9.33
CA LEU B 514 2.75 -11.90 8.56
C LEU B 514 1.72 -12.09 7.45
N LEU B 515 0.44 -12.11 7.80
CA LEU B 515 -0.58 -12.31 6.78
C LEU B 515 -0.86 -11.09 5.92
N GLY B 516 -0.49 -9.91 6.40
CA GLY B 516 -0.73 -8.69 5.63
C GLY B 516 0.34 -8.43 4.59
N ASN B 517 0.98 -9.49 4.15
CA ASN B 517 2.05 -9.42 3.15
C ASN B 517 1.37 -9.73 1.83
N PRO B 518 1.74 -9.00 0.75
CA PRO B 518 1.12 -9.24 -0.56
C PRO B 518 1.17 -10.68 -1.09
N ILE B 519 2.13 -11.48 -0.65
CA ILE B 519 2.17 -12.85 -1.15
C ILE B 519 1.07 -13.72 -0.54
N CYS B 520 0.37 -13.21 0.46
CA CYS B 520 -0.70 -13.98 1.09
C CYS B 520 -2.05 -13.62 0.49
N SER B 521 -2.02 -12.72 -0.48
CA SER B 521 -3.24 -12.28 -1.13
C SER B 521 -3.65 -13.27 -2.22
N PRO B 522 -4.96 -13.35 -2.52
CA PRO B 522 -5.50 -14.24 -3.55
C PRO B 522 -4.77 -14.03 -4.87
N GLU B 523 -4.39 -12.79 -5.16
CA GLU B 523 -3.71 -12.46 -6.40
C GLU B 523 -2.28 -13.06 -6.49
N TYR B 524 -1.56 -13.06 -5.38
CA TYR B 524 -0.19 -13.60 -5.38
C TYR B 524 -0.05 -15.06 -5.01
N TRP B 525 -0.88 -15.54 -4.09
CA TRP B 525 -0.79 -16.92 -3.62
C TRP B 525 -1.17 -17.96 -4.69
N LYS B 526 -0.33 -18.07 -5.72
CA LYS B 526 -0.52 -18.97 -6.84
C LYS B 526 0.82 -19.67 -7.09
N ALA B 527 0.77 -20.89 -7.60
CA ALA B 527 1.99 -21.61 -7.90
C ALA B 527 2.88 -20.85 -8.90
N SER B 528 2.26 -20.14 -9.85
CA SER B 528 3.03 -19.41 -10.85
C SER B 528 3.90 -18.32 -10.24
N THR B 529 3.42 -17.75 -9.14
CA THR B 529 4.17 -16.71 -8.47
C THR B 529 5.54 -17.21 -8.00
N PHE B 530 5.61 -18.48 -7.61
CA PHE B 530 6.84 -19.07 -7.12
C PHE B 530 7.53 -20.02 -8.10
N GLY B 531 7.33 -19.81 -9.39
CA GLY B 531 7.96 -20.65 -10.39
C GLY B 531 7.33 -22.01 -10.64
N GLY B 532 6.16 -22.24 -10.07
CA GLY B 532 5.50 -23.51 -10.27
C GLY B 532 5.32 -24.31 -9.00
N GLU B 533 4.78 -25.51 -9.17
CA GLU B 533 4.51 -26.40 -8.06
C GLU B 533 5.74 -26.65 -7.18
N VAL B 534 6.91 -26.82 -7.79
CA VAL B 534 8.12 -27.07 -7.03
C VAL B 534 8.47 -25.90 -6.10
N GLY B 535 8.36 -24.67 -6.61
CA GLY B 535 8.66 -23.50 -5.80
C GLY B 535 7.62 -23.29 -4.73
N PHE B 536 6.35 -23.51 -5.07
CA PHE B 536 5.24 -23.34 -4.13
C PHE B 536 5.42 -24.27 -2.93
N ASN B 537 5.77 -25.53 -3.18
CA ASN B 537 5.96 -26.48 -2.09
C ASN B 537 7.11 -26.13 -1.17
N LEU B 538 8.12 -25.44 -1.69
CA LEU B 538 9.24 -25.04 -0.84
C LEU B 538 8.68 -24.13 0.25
N VAL B 539 7.67 -23.33 -0.10
CA VAL B 539 7.06 -22.44 0.87
C VAL B 539 6.12 -23.24 1.77
N LYS B 540 5.23 -23.99 1.16
CA LYS B 540 4.26 -24.77 1.91
C LYS B 540 4.84 -25.80 2.85
N THR B 541 6.10 -26.17 2.68
CA THR B 541 6.70 -27.18 3.56
C THR B 541 8.01 -26.72 4.20
N ALA B 542 8.23 -25.41 4.23
CA ALA B 542 9.46 -24.86 4.82
C ALA B 542 9.57 -25.29 6.27
N THR B 543 10.81 -25.42 6.73
CA THR B 543 11.07 -25.86 8.09
C THR B 543 12.43 -25.33 8.56
N LEU B 544 12.56 -25.07 9.87
CA LEU B 544 13.82 -24.57 10.43
C LEU B 544 14.91 -25.62 10.15
N LYS B 545 14.59 -26.88 10.42
CA LYS B 545 15.53 -27.98 10.21
C LYS B 545 16.01 -28.06 8.75
N LYS B 546 15.08 -27.95 7.81
CA LYS B 546 15.40 -28.00 6.39
C LYS B 546 16.15 -26.75 5.96
N LEU B 547 15.80 -25.61 6.55
CA LEU B 547 16.45 -24.36 6.21
C LEU B 547 17.94 -24.50 6.47
N VAL B 548 18.28 -25.11 7.60
CA VAL B 548 19.66 -25.31 7.96
C VAL B 548 20.28 -26.51 7.24
N CYS B 549 19.73 -27.69 7.51
CA CYS B 549 20.26 -28.93 6.97
C CYS B 549 20.34 -29.14 5.46
N LEU B 550 19.49 -28.47 4.69
CA LEU B 550 19.58 -28.62 3.24
C LEU B 550 20.65 -27.67 2.70
N ASN B 551 21.38 -27.03 3.61
CA ASN B 551 22.43 -26.08 3.25
C ASN B 551 23.73 -26.27 4.05
N THR B 552 23.83 -27.36 4.78
CA THR B 552 25.02 -27.65 5.57
C THR B 552 25.56 -29.04 5.24
N LYS B 553 26.86 -29.23 5.43
CA LYS B 553 27.48 -30.53 5.16
C LYS B 553 26.88 -31.63 6.03
N THR B 554 26.65 -31.32 7.30
CA THR B 554 26.05 -32.27 8.21
C THR B 554 24.85 -31.61 8.88
N CYS B 555 23.99 -32.42 9.49
CA CYS B 555 22.80 -31.88 10.12
C CYS B 555 22.92 -31.98 11.64
N PRO B 556 23.00 -30.83 12.32
CA PRO B 556 23.11 -30.77 13.78
C PRO B 556 21.76 -30.75 14.45
N TYR B 557 21.75 -30.56 15.76
CA TYR B 557 20.50 -30.46 16.49
C TYR B 557 20.04 -29.03 16.19
N VAL B 558 18.92 -28.90 15.48
CA VAL B 558 18.42 -27.59 15.12
C VAL B 558 16.98 -27.43 15.57
N SER B 559 16.74 -26.44 16.43
CA SER B 559 15.40 -26.19 16.96
C SER B 559 15.33 -24.86 17.72
N PHE B 560 14.11 -24.43 18.02
CA PHE B 560 13.89 -23.20 18.77
C PHE B 560 13.76 -23.58 20.23
N HIS B 561 13.58 -24.88 20.47
CA HIS B 561 13.44 -25.42 21.82
C HIS B 561 14.75 -26.10 22.19
N VAL B 562 15.19 -25.89 23.42
CA VAL B 562 16.41 -26.51 23.91
C VAL B 562 16.12 -28.02 23.99
N PRO B 563 17.14 -28.87 23.81
CA PRO B 563 16.89 -30.32 23.89
C PRO B 563 16.64 -30.81 25.33
C1 NAG C . -3.94 -25.03 -26.21
C2 NAG C . -4.70 -25.93 -27.17
C3 NAG C . -3.71 -26.47 -28.23
C4 NAG C . -3.04 -25.31 -29.00
C5 NAG C . -2.38 -24.33 -27.97
C6 NAG C . -1.87 -23.04 -28.58
C7 NAG C . -6.61 -26.97 -26.05
C8 NAG C . -7.35 -28.28 -25.92
N2 NAG C . -5.32 -27.02 -26.42
O3 NAG C . -4.39 -27.31 -29.16
O4 NAG C . -2.06 -25.81 -29.91
O5 NAG C . -3.32 -23.93 -26.93
O6 NAG C . -2.95 -22.18 -28.93
O7 NAG C . -7.20 -25.90 -25.82
C1 NAG D . -1.72 -23.78 -32.27
C2 NAG D . -0.21 -24.07 -32.35
C3 NAG D . 0.41 -23.24 -33.51
C4 NAG D . -0.28 -23.56 -34.86
C5 NAG D . -1.82 -23.37 -34.72
C6 NAG D . -2.60 -23.86 -35.93
C7 NAG D . 1.12 -24.68 -30.38
C8 NAG D . 2.29 -24.21 -29.52
N2 NAG D . 0.45 -23.76 -31.08
O3 NAG D . 1.81 -23.52 -33.61
O4 NAG D . 0.23 -22.71 -35.90
O5 NAG D . -2.35 -24.10 -33.54
O6 NAG D . -4.00 -23.65 -35.78
O7 NAG D . 0.84 -25.89 -30.40
C1 NAG E . 12.67 1.95 -9.34
C2 NAG E . 13.72 2.33 -8.30
C3 NAG E . 14.75 3.23 -8.97
C4 NAG E . 15.39 2.48 -10.15
C5 NAG E . 14.28 2.01 -11.14
C6 NAG E . 14.79 1.10 -12.25
C7 NAG E . 13.37 2.78 -5.92
C8 NAG E . 13.20 3.92 -4.93
N2 NAG E . 13.06 3.02 -7.19
O3 NAG E . 15.75 3.62 -8.03
O4 NAG E . 16.31 3.34 -10.79
O5 NAG E . 13.26 1.24 -10.44
O6 NAG E . 14.62 -0.28 -11.92
O7 NAG E . 13.80 1.68 -5.51
C1 NAG F . -4.12 36.84 -24.75
C2 NAG F . -4.14 37.10 -26.27
C3 NAG F . -4.81 38.47 -26.53
C4 NAG F . -6.25 38.51 -25.96
C5 NAG F . -6.24 38.06 -24.46
C6 NAG F . -7.61 37.79 -23.87
C7 NAG F . -2.02 35.96 -26.85
C8 NAG F . -1.01 35.80 -27.97
N2 NAG F . -2.78 37.08 -26.82
O3 NAG F . -4.84 38.72 -27.94
O4 NAG F . -6.82 39.83 -26.10
O5 NAG F . -5.48 36.82 -24.26
O6 NAG F . -7.51 37.16 -22.60
O7 NAG F . -2.13 35.05 -26.02
C1 BOG G . -20.36 -5.09 -16.25
O1 BOG G . -21.17 -4.88 -15.14
C2 BOG G . -19.05 -5.88 -15.89
O2 BOG G . -18.29 -5.20 -14.89
C3 BOG G . -18.21 -6.09 -17.17
O3 BOG G . -17.03 -6.82 -16.83
C4 BOG G . -19.08 -6.86 -18.23
O4 BOG G . -18.33 -7.07 -19.43
C5 BOG G . -20.31 -6.10 -18.54
O5 BOG G . -21.13 -5.82 -17.31
C6 BOG G . -21.22 -6.83 -19.57
O6 BOG G . -21.78 -8.07 -19.10
C1' BOG G . -22.00 -3.69 -15.09
C2' BOG G . -22.77 -3.71 -13.79
C3' BOG G . -24.05 -4.17 -13.95
C4' BOG G . -25.06 -3.06 -13.66
C5' BOG G . -26.46 -3.64 -13.41
C6' BOG G . -27.51 -3.03 -14.34
C7' BOG G . -28.74 -3.57 -14.10
C8' BOG G . -29.76 -2.94 -15.04
C1 BOG H . -15.10 -25.73 -23.83
O1 BOG H . -16.40 -26.20 -23.72
C2 BOG H . -14.09 -26.87 -24.19
O2 BOG H . -14.15 -27.91 -23.22
C3 BOG H . -12.67 -26.27 -24.32
O3 BOG H . -11.74 -27.32 -24.65
C4 BOG H . -12.68 -25.15 -25.41
O4 BOG H . -11.37 -24.58 -25.56
C5 BOG H . -13.64 -24.09 -25.04
O5 BOG H . -15.02 -24.65 -24.86
C6 BOG H . -13.71 -22.96 -26.12
O6 BOG H . -14.43 -23.34 -27.30
C1' BOG H . -17.27 -25.51 -22.81
C2' BOG H . -18.62 -26.19 -22.84
C3' BOG H . -19.31 -25.96 -21.69
C4' BOG H . -20.00 -27.22 -21.18
C5' BOG H . -20.65 -26.98 -19.83
C6' BOG H . -21.97 -27.71 -19.67
C7' BOG H . -22.52 -27.45 -18.43
C8' BOG H . -23.84 -28.20 -18.28
C1 NAG I . 11.45 17.60 5.80
C2 NAG I . 12.72 17.42 6.67
C3 NAG I . 13.16 18.82 7.16
C4 NAG I . 13.42 19.79 5.97
C5 NAG I . 12.17 19.83 5.04
C6 NAG I . 12.42 20.57 3.74
C7 NAG I . 13.27 15.49 8.17
C8 NAG I . 13.29 15.09 9.62
N2 NAG I . 12.44 16.51 7.80
O3 NAG I . 14.33 18.69 7.95
O4 NAG I . 13.73 21.12 6.42
O5 NAG I . 11.72 18.47 4.68
O6 NAG I . 12.59 19.68 2.63
O7 NAG I . 13.99 14.87 7.39
CHA HEM J . -0.23 13.96 -22.62
CHB HEM J . -0.99 18.08 -24.93
CHC HEM J . -5.67 17.85 -23.86
CHD HEM J . -4.91 13.67 -21.54
C1A HEM J . -0.02 15.10 -23.37
C2A HEM J . 1.29 15.52 -23.89
C3A HEM J . 1.05 16.70 -24.55
C4A HEM J . -0.37 16.97 -24.41
CMA HEM J . 2.09 17.58 -25.27
CAA HEM J . 2.64 14.80 -23.73
CBA HEM J . 3.04 14.24 -25.12
CGA HEM J . 4.37 13.50 -25.22
O1A HEM J . 5.09 13.34 -24.21
O2A HEM J . 4.70 13.05 -26.36
C1B HEM J . -2.32 18.40 -24.85
C2B HEM J . -2.87 19.60 -25.41
C3B HEM J . -4.23 19.53 -25.12
C4B HEM J . -4.45 18.29 -24.36
CMB HEM J . -2.06 20.69 -26.19
CAB HEM J . -5.29 20.58 -25.52
CBB HEM J . -4.96 22.04 -25.23
C1C HEM J . -5.88 16.67 -23.13
C2C HEM J . -7.20 16.23 -22.61
C3C HEM J . -6.96 15.06 -21.97
C4C HEM J . -5.53 14.78 -22.09
CMC HEM J . -8.53 16.97 -22.78
CAC HEM J . -8.05 14.16 -21.35
CBC HEM J . -7.98 13.83 -19.87
C1D HEM J . -3.56 13.39 -21.62
C2D HEM J . -2.94 12.23 -20.99
C3D HEM J . -1.61 12.34 -21.30
C4D HEM J . -1.45 13.52 -22.11
CMD HEM J . -3.64 11.16 -20.15
CAD HEM J . -0.47 11.39 -20.88
CBD HEM J . 0.01 11.66 -19.45
CGD HEM J . 1.44 11.25 -19.15
O1D HEM J . 1.88 10.19 -19.63
O2D HEM J . 2.12 11.97 -18.39
NA HEM J . -1.02 15.98 -23.70
NB HEM J . -3.26 17.59 -24.20
NC HEM J . -4.87 15.76 -22.81
ND HEM J . -2.64 14.18 -22.29
FE HEM J . -2.94 15.88 -23.28
C FLP K . -13.13 5.64 -18.73
C1 FLP K . -14.32 5.02 -18.26
C2 FLP K . -15.03 5.59 -17.11
C3 FLP K . -14.50 6.76 -16.48
C4 FLP K . -13.29 7.35 -16.96
C5 FLP K . -12.62 6.79 -18.08
C6 FLP K . -16.30 4.94 -16.59
C7 FLP K . -16.44 4.59 -15.18
C8 FLP K . -17.65 3.96 -14.75
C9 FLP K . -18.72 3.69 -15.67
C10 FLP K . -18.59 4.01 -17.01
C11 FLP K . -17.41 4.62 -17.45
C12 FLP K . -20.06 3.00 -15.28
C13 FLP K . -20.57 3.43 -13.90
C14 FLP K . -19.80 1.51 -15.44
O FLP K . -20.36 1.03 -16.49
O1 FLP K . -19.16 0.85 -14.69
F FLP K . -17.37 4.90 -18.77
C1 NAG L . 18.46 1.78 -11.43
C2 NAG L . 18.57 2.85 -12.56
C3 NAG L . 19.85 2.57 -13.38
C4 NAG L . 21.11 2.60 -12.46
C5 NAG L . 20.91 1.62 -11.26
C6 NAG L . 22.01 1.74 -10.20
C7 NAG L . 16.65 3.92 -13.80
C8 NAG L . 15.92 3.86 -15.14
N2 NAG L . 17.36 2.80 -13.41
O3 NAG L . 19.95 3.53 -14.40
O4 NAG L . 22.30 2.23 -13.19
O5 NAG L . 19.63 1.84 -10.58
O6 NAG L . 21.56 2.46 -9.05
O7 NAG L . 16.57 4.94 -13.12
C1 NAG M . -17.02 11.48 30.12
C2 NAG M . -17.85 11.34 31.39
C3 NAG M . -17.69 12.63 32.24
C4 NAG M . -16.21 12.86 32.59
C5 NAG M . -15.35 12.87 31.28
C6 NAG M . -13.86 12.88 31.52
C7 NAG M . -19.77 9.88 31.01
C8 NAG M . -21.25 9.74 31.31
N2 NAG M . -19.24 11.11 31.03
O3 NAG M . -18.45 12.53 33.43
O4 NAG M . -16.07 14.11 33.28
O5 NAG M . -15.63 11.69 30.45
O6 NAG M . -13.40 11.61 32.00
O7 NAG M . -19.10 8.86 30.76
C1 NAG N . -13.49 13.92 35.13
C2 NAG N . -13.17 15.41 34.87
C3 NAG N . -11.90 15.80 35.67
C4 NAG N . -12.10 15.54 37.19
C5 NAG N . -12.54 14.06 37.42
C6 NAG N . -12.95 13.78 38.85
C7 NAG N . -13.74 16.51 32.74
C8 NAG N . -13.10 17.21 31.55
N2 NAG N . -12.98 15.64 33.43
O3 NAG N . -11.60 17.18 35.45
O4 NAG N . -10.88 15.81 37.90
O5 NAG N . -13.68 13.70 36.56
O6 NAG N . -13.33 12.42 39.02
O7 NAG N . -14.92 16.77 33.03
C1 NAG O . 8.88 12.02 5.30
C2 NAG O . 9.33 12.62 3.96
C3 NAG O . 10.69 13.28 4.18
C4 NAG O . 10.56 14.36 5.26
C5 NAG O . 9.99 13.74 6.57
C6 NAG O . 9.65 14.75 7.65
C7 NAG O . 8.99 11.72 1.70
C8 NAG O . 9.69 10.92 0.62
N2 NAG O . 9.42 11.56 2.96
O3 NAG O . 11.15 13.84 2.97
O4 NAG O . 11.83 14.92 5.49
O5 NAG O . 8.76 13.03 6.30
O6 NAG O . 8.30 15.15 7.58
O7 NAG O . 8.08 12.48 1.39
C1 NAG P . 37.65 -15.14 18.43
C2 NAG P . 38.26 -15.00 19.83
C3 NAG P . 39.28 -16.13 20.03
C4 NAG P . 38.61 -17.54 19.86
C5 NAG P . 37.85 -17.58 18.50
C6 NAG P . 36.94 -18.79 18.34
C7 NAG P . 38.18 -12.54 20.00
C8 NAG P . 38.73 -11.39 20.81
N2 NAG P . 38.89 -13.70 19.98
O3 NAG P . 39.85 -16.03 21.33
O4 NAG P . 39.60 -18.60 19.92
O5 NAG P . 36.98 -16.41 18.31
O6 NAG P . 36.12 -18.64 17.20
O7 NAG P . 37.12 -12.39 19.40
C1 BOG Q . -7.91 -13.17 21.61
O1 BOG Q . -8.26 -14.20 20.72
C2 BOG Q . -8.36 -11.75 21.08
O2 BOG Q . -7.78 -11.46 19.81
C3 BOG Q . -7.96 -10.66 22.11
O3 BOG Q . -8.36 -9.39 21.62
C4 BOG Q . -8.64 -11.02 23.49
O4 BOG Q . -8.30 -10.02 24.48
C5 BOG Q . -8.20 -12.35 23.97
O5 BOG Q . -8.52 -13.42 22.96
C6 BOG Q . -8.85 -12.78 25.33
O6 BOG Q . -10.20 -12.34 25.53
C1' BOG Q . -7.43 -15.38 20.70
C2' BOG Q . -8.02 -16.35 19.69
C3' BOG Q . -8.83 -17.29 20.29
C4' BOG Q . -8.12 -18.65 20.38
C5' BOG Q . -9.14 -19.81 20.38
C6' BOG Q . -9.23 -20.51 21.74
C7' BOG Q . -10.13 -21.55 21.70
C8' BOG Q . -10.21 -22.22 23.05
CHA HEM R . 18.17 -2.33 19.22
CHB HEM R . 22.15 -4.36 20.94
CHC HEM R . 19.90 -8.63 21.16
CHD HEM R . 15.89 -6.55 19.45
C1A HEM R . 19.46 -2.50 19.69
C2A HEM R . 20.46 -1.44 19.78
C3A HEM R . 21.59 -2.04 20.27
C4A HEM R . 21.27 -3.43 20.46
CMA HEM R . 22.94 -1.35 20.54
CAA HEM R . 20.28 0.05 19.40
CBA HEM R . 20.30 0.87 20.72
CGA HEM R . 20.16 2.39 20.59
O1A HEM R . 20.02 2.93 19.46
O2A HEM R . 20.17 3.06 21.65
C1B HEM R . 21.91 -5.70 21.14
C2B HEM R . 22.93 -6.60 21.62
C3B HEM R . 22.28 -7.84 21.70
C4B HEM R . 20.90 -7.64 21.25
CMB HEM R . 24.40 -6.22 21.97
CAB HEM R . 22.92 -9.17 22.18
CBB HEM R . 24.27 -9.54 21.59
C1C HEM R . 18.59 -8.43 20.72
C2C HEM R . 17.58 -9.50 20.63
C3C HEM R . 16.47 -8.91 20.16
C4C HEM R . 16.78 -7.50 19.95
CMC HEM R . 17.78 -10.98 21.01
CAC HEM R . 15.10 -9.60 20.00
CBC HEM R . 14.44 -9.62 18.63
C1D HEM R . 16.17 -5.23 19.23
C2D HEM R . 15.19 -4.29 18.66
C3D HEM R . 15.86 -3.09 18.59
C4D HEM R . 17.19 -3.33 19.12
CMD HEM R . 13.76 -4.60 18.23
CAD HEM R . 15.35 -1.76 18.06
CBD HEM R . 15.42 -1.67 16.52
CGD HEM R . 15.50 -0.28 15.95
O1D HEM R . 14.85 0.64 16.48
O2D HEM R . 16.22 -0.10 14.93
NA HEM R . 19.96 -3.71 20.13
NB HEM R . 20.68 -6.30 20.90
NC HEM R . 18.10 -7.21 20.30
ND HEM R . 17.38 -4.64 19.49
FE HEM R . 19.04 -5.45 20.23
C FLP S . 4.92 -10.93 20.23
C1 FLP S . 3.79 -11.82 20.20
C2 FLP S . 3.74 -12.88 19.19
C3 FLP S . 4.81 -13.01 18.26
C4 FLP S . 5.92 -12.10 18.31
C5 FLP S . 5.97 -11.06 19.31
C6 FLP S . 2.56 -13.82 19.13
C7 FLP S . 1.83 -14.04 17.89
C8 FLP S . 0.70 -14.93 17.89
C9 FLP S . 0.30 -15.61 19.10
C10 FLP S . 0.99 -15.40 20.28
C11 FLP S . 2.08 -14.54 20.30
C12 FLP S . -0.91 -16.58 19.19
C13 FLP S . -1.07 -17.45 17.94
C14 FLP S . -2.10 -15.71 19.54
O FLP S . -2.48 -15.82 20.77
O1 FLP S . -2.65 -14.99 18.75
F FLP S . 2.70 -14.40 21.50
#